data_2HLI
# 
_entry.id   2HLI 
# 
_audit_conform.dict_name       mmcif_pdbx.dic 
_audit_conform.dict_version    5.391 
_audit_conform.dict_location   http://mmcif.pdb.org/dictionaries/ascii/mmcif_pdbx.dic 
# 
loop_
_database_2.database_id 
_database_2.database_code 
_database_2.pdbx_database_accession 
_database_2.pdbx_DOI 
PDB   2HLI         pdb_00002hli 10.2210/pdb2hli/pdb 
RCSB  RCSB038483   ?            ?                   
WWPDB D_1000038483 ?            ?                   
# 
loop_
_pdbx_audit_revision_history.ordinal 
_pdbx_audit_revision_history.data_content_type 
_pdbx_audit_revision_history.major_revision 
_pdbx_audit_revision_history.minor_revision 
_pdbx_audit_revision_history.revision_date 
1 'Structure model' 1 0 2006-09-19 
2 'Structure model' 1 1 2008-05-01 
3 'Structure model' 1 2 2011-07-13 
4 'Structure model' 1 3 2018-01-31 
5 'Structure model' 1 4 2024-05-01 
# 
_pdbx_audit_revision_details.ordinal             1 
_pdbx_audit_revision_details.revision_ordinal    1 
_pdbx_audit_revision_details.data_content_type   'Structure model' 
_pdbx_audit_revision_details.provider            repository 
_pdbx_audit_revision_details.type                'Initial release' 
_pdbx_audit_revision_details.description         ? 
_pdbx_audit_revision_details.details             ? 
# 
loop_
_pdbx_audit_revision_group.ordinal 
_pdbx_audit_revision_group.revision_ordinal 
_pdbx_audit_revision_group.data_content_type 
_pdbx_audit_revision_group.group 
1 2 'Structure model' 'Version format compliance' 
2 3 'Structure model' 'Version format compliance' 
3 4 'Structure model' 'Derived calculations'      
4 4 'Structure model' 'Structure summary'         
5 5 'Structure model' 'Data collection'           
6 5 'Structure model' 'Database references'       
7 5 'Structure model' 'Derived calculations'      
# 
loop_
_pdbx_audit_revision_category.ordinal 
_pdbx_audit_revision_category.revision_ordinal 
_pdbx_audit_revision_category.data_content_type 
_pdbx_audit_revision_category.category 
1 4 'Structure model' audit_author          
2 4 'Structure model' pdbx_struct_assembly  
3 4 'Structure model' pdbx_struct_oper_list 
4 5 'Structure model' chem_comp_atom        
5 5 'Structure model' chem_comp_bond        
6 5 'Structure model' database_2            
7 5 'Structure model' pdbx_nmr_software     
8 5 'Structure model' pdbx_nmr_spectrometer 
9 5 'Structure model' struct_conn           
# 
loop_
_pdbx_audit_revision_item.ordinal 
_pdbx_audit_revision_item.revision_ordinal 
_pdbx_audit_revision_item.data_content_type 
_pdbx_audit_revision_item.item 
1 4 'Structure model' '_audit_author.name'                  
2 5 'Structure model' '_database_2.pdbx_DOI'                
3 5 'Structure model' '_database_2.pdbx_database_accession' 
4 5 'Structure model' '_pdbx_nmr_software.name'             
5 5 'Structure model' '_pdbx_nmr_spectrometer.model'        
6 5 'Structure model' '_struct_conn.pdbx_leaving_atom_flag' 
# 
_pdbx_database_status.status_code                     REL 
_pdbx_database_status.entry_id                        2HLI 
_pdbx_database_status.recvd_initial_deposition_date   2006-07-07 
_pdbx_database_status.deposit_site                    RCSB 
_pdbx_database_status.process_site                    RCSB 
_pdbx_database_status.status_code_mr                  REL 
_pdbx_database_status.SG_entry                        N 
_pdbx_database_status.status_code_sf                  ? 
_pdbx_database_status.pdb_format_compatible           Y 
_pdbx_database_status.status_code_cs                  ? 
_pdbx_database_status.methods_development_category    ? 
_pdbx_database_status.status_code_nmr_data            ? 
# 
loop_
_audit_author.name 
_audit_author.pdbx_ordinal 
'Cho, Y.-J.'    1  
'Wang, H.'      2  
'Kozekov, I.D.' 3  
'Kurtz, A.J.'   4  
'Jacob, J.'     5  
'Voehler, M.'   6  
'Smith, J.'     7  
'Harris, T.M.'  8  
'Rizzo, C.J.'   9  
'Stone, M.P.'   10 
# 
_citation.id                        primary 
_citation.title                     
;Orientation of the Crotonaldehyde-Derived N(2)-[3-Oxo-1(S)-methyl-propyl]-dG DNA Adduct Hinders Interstrand Cross-Link Formation in the 5'-CpG-3' Sequence
;
_citation.journal_abbrev            Chem.Res.Toxicol. 
_citation.journal_volume            19 
_citation.page_first                1019 
_citation.page_last                 1029 
_citation.year                      2006 
_citation.journal_id_ASTM           CRTOEC 
_citation.country                   US 
_citation.journal_id_ISSN           0893-228X 
_citation.journal_id_CSD            2140 
_citation.book_publisher            ? 
_citation.pdbx_database_id_PubMed   16918240 
_citation.pdbx_database_id_DOI      10.1021/tx0600604 
# 
loop_
_citation_author.citation_id 
_citation_author.name 
_citation_author.ordinal 
_citation_author.identifier_ORCID 
primary 'Cho, Y.-J.'    1  ? 
primary 'Wang, H.'      2  ? 
primary 'Kozekov, I.D.' 3  ? 
primary 'Kozekova, A.'  4  ? 
primary 'Kurtz, A.J.'   5  ? 
primary 'Jacob, J.'     6  ? 
primary 'Voehler, M.'   7  ? 
primary 'Smith, J.'     8  ? 
primary 'Harris, T.M.'  9  ? 
primary 'Rizzo, C.J.'   10 ? 
primary 'Lloyd, R.S.'   11 ? 
primary 'Stone, M.P.'   12 ? 
# 
loop_
_entity.id 
_entity.type 
_entity.src_method 
_entity.pdbx_description 
_entity.formula_weight 
_entity.pdbx_number_of_molecules 
_entity.pdbx_ec 
_entity.pdbx_mutation 
_entity.pdbx_fragment 
_entity.details 
1 polymer syn 'DNA dodecamer with S-crotonaldehyde adduct' 3733.482 1 ? ? ? ? 
2 polymer syn 'DNA dodecamer'                              3663.392 1 ? ? ? ? 
# 
loop_
_entity_poly.entity_id 
_entity_poly.type 
_entity_poly.nstd_linkage 
_entity_poly.nstd_monomer 
_entity_poly.pdbx_seq_one_letter_code 
_entity_poly.pdbx_seq_one_letter_code_can 
_entity_poly.pdbx_strand_id 
_entity_poly.pdbx_target_identifier 
1 polydeoxyribonucleotide no yes '(DG)(DC)(DT)(DA)(DG)(DC)(KAG)(DA)(DG)(DT)(DC)(DC)' GCTAGCGAGTCC A ? 
2 polydeoxyribonucleotide no no  '(DG)(DG)(DA)(DC)(DT)(DC)(DG)(DC)(DT)(DA)(DG)(DC)'  GGACTCGCTAGC B ? 
# 
loop_
_entity_poly_seq.entity_id 
_entity_poly_seq.num 
_entity_poly_seq.mon_id 
_entity_poly_seq.hetero 
1 1  DG  n 
1 2  DC  n 
1 3  DT  n 
1 4  DA  n 
1 5  DG  n 
1 6  DC  n 
1 7  KAG n 
1 8  DA  n 
1 9  DG  n 
1 10 DT  n 
1 11 DC  n 
1 12 DC  n 
2 1  DG  n 
2 2  DG  n 
2 3  DA  n 
2 4  DC  n 
2 5  DT  n 
2 6  DC  n 
2 7  DG  n 
2 8  DC  n 
2 9  DT  n 
2 10 DA  n 
2 11 DG  n 
2 12 DC  n 
# 
_pdbx_entity_src_syn.entity_id              1 
_pdbx_entity_src_syn.pdbx_src_id            1 
_pdbx_entity_src_syn.pdbx_alt_source_flag   sample 
_pdbx_entity_src_syn.pdbx_beg_seq_num       ? 
_pdbx_entity_src_syn.pdbx_end_seq_num       ? 
_pdbx_entity_src_syn.organism_scientific    ? 
_pdbx_entity_src_syn.organism_common_name   ? 
_pdbx_entity_src_syn.ncbi_taxonomy_id       ? 
_pdbx_entity_src_syn.details                'All adducted sequences were made by Dr. Rizzo and Dr. Harris lab at Vanderbilt' 
# 
loop_
_chem_comp.id 
_chem_comp.type 
_chem_comp.mon_nstd_flag 
_chem_comp.name 
_chem_comp.pdbx_synonyms 
_chem_comp.formula 
_chem_comp.formula_weight 
DA  'DNA linking' y "2'-DEOXYADENOSINE-5'-MONOPHOSPHATE"                           ? 'C10 H14 N5 O6 P' 331.222 
DC  'DNA linking' y "2'-DEOXYCYTIDINE-5'-MONOPHOSPHATE"                            ? 'C9 H14 N3 O7 P'  307.197 
DG  'DNA linking' y "2'-DEOXYGUANOSINE-5'-MONOPHOSPHATE"                           ? 'C10 H14 N5 O7 P' 347.221 
DT  'DNA linking' y "THYMIDINE-5'-MONOPHOSPHATE"                                   ? 'C10 H15 N2 O8 P' 322.208 
KAG 'RNA linking' n 
;2'-DEOXY-N-[(1S)-1-METHYL-3-OXOPROPYL]GUANOSINE 5'-PHOSPHATE
;
? 'C14 H20 N5 O8 P' 417.311 
# 
loop_
_pdbx_poly_seq_scheme.asym_id 
_pdbx_poly_seq_scheme.entity_id 
_pdbx_poly_seq_scheme.seq_id 
_pdbx_poly_seq_scheme.mon_id 
_pdbx_poly_seq_scheme.ndb_seq_num 
_pdbx_poly_seq_scheme.pdb_seq_num 
_pdbx_poly_seq_scheme.auth_seq_num 
_pdbx_poly_seq_scheme.pdb_mon_id 
_pdbx_poly_seq_scheme.auth_mon_id 
_pdbx_poly_seq_scheme.pdb_strand_id 
_pdbx_poly_seq_scheme.pdb_ins_code 
_pdbx_poly_seq_scheme.hetero 
A 1 1  DG  1  1  1  DG  G   A . n 
A 1 2  DC  2  2  2  DC  C   A . n 
A 1 3  DT  3  3  3  DT  T   A . n 
A 1 4  DA  4  4  4  DA  A   A . n 
A 1 5  DG  5  5  5  DG  G   A . n 
A 1 6  DC  6  6  6  DC  C   A . n 
A 1 7  KAG 7  7  7  KAG KAG A . n 
A 1 8  DA  8  8  8  DA  A   A . n 
A 1 9  DG  9  9  9  DG  G   A . n 
A 1 10 DT  10 10 10 DT  T   A . n 
A 1 11 DC  11 11 11 DC  C   A . n 
A 1 12 DC  12 12 12 DC  C   A . n 
B 2 1  DG  1  13 13 DG  G   B . n 
B 2 2  DG  2  14 14 DG  G   B . n 
B 2 3  DA  3  15 15 DA  A   B . n 
B 2 4  DC  4  16 16 DC  C   B . n 
B 2 5  DT  5  17 17 DT  T   B . n 
B 2 6  DC  6  18 18 DC  C   B . n 
B 2 7  DG  7  19 19 DG  G   B . n 
B 2 8  DC  8  20 20 DC  C   B . n 
B 2 9  DT  9  21 21 DT  T   B . n 
B 2 10 DA  10 22 22 DA  A   B . n 
B 2 11 DG  11 23 23 DG  G   B . n 
B 2 12 DC  12 24 24 DC  C   B . n 
# 
_cell.entry_id           2HLI 
_cell.length_a           1.000 
_cell.length_b           1.000 
_cell.length_c           1.000 
_cell.angle_alpha        90.00 
_cell.angle_beta         90.00 
_cell.angle_gamma        90.00 
_cell.Z_PDB              1 
_cell.pdbx_unique_axis   ? 
# 
_symmetry.entry_id                         2HLI 
_symmetry.space_group_name_H-M             'P 1' 
_symmetry.pdbx_full_space_group_name_H-M   ? 
_symmetry.cell_setting                     ? 
_symmetry.Int_Tables_number                1 
# 
_exptl.entry_id          2HLI 
_exptl.method            'SOLUTION NMR' 
_exptl.crystals_number   ? 
# 
_struct.entry_id                  2HLI 
_struct.title                     
;Solution structure of Crotonaldehyde-Derived N2-[3-Oxo-1(S)-methyl-propyl]-dG DNA Adduct in the 5'-CpG-3' Sequence
;
_struct.pdbx_model_details        ? 
_struct.pdbx_CASP_flag            ? 
_struct.pdbx_model_type_details   'minimized average' 
# 
_struct_keywords.entry_id        2HLI 
_struct_keywords.pdbx_keywords   DNA 
_struct_keywords.text            
;Interstrand DNA cross-link; S-crotonaldehyde-dG adduct; 5'-CpG-3' sequence, DNA
;
# 
loop_
_struct_asym.id 
_struct_asym.pdbx_blank_PDB_chainid_flag 
_struct_asym.pdbx_modified 
_struct_asym.entity_id 
_struct_asym.details 
A N N 1 ? 
B N N 2 ? 
# 
loop_
_struct_ref.id 
_struct_ref.entity_id 
_struct_ref.db_name 
_struct_ref.db_code 
_struct_ref.pdbx_db_accession 
_struct_ref.pdbx_db_isoform 
_struct_ref.pdbx_seq_one_letter_code 
_struct_ref.pdbx_align_begin 
1 1 PDB 2HLI 2HLI ? ? ? 
2 2 PDB 2HLI 2HLI ? ? ? 
# 
loop_
_struct_ref_seq.align_id 
_struct_ref_seq.ref_id 
_struct_ref_seq.pdbx_PDB_id_code 
_struct_ref_seq.pdbx_strand_id 
_struct_ref_seq.seq_align_beg 
_struct_ref_seq.pdbx_seq_align_beg_ins_code 
_struct_ref_seq.seq_align_end 
_struct_ref_seq.pdbx_seq_align_end_ins_code 
_struct_ref_seq.pdbx_db_accession 
_struct_ref_seq.db_align_beg 
_struct_ref_seq.pdbx_db_align_beg_ins_code 
_struct_ref_seq.db_align_end 
_struct_ref_seq.pdbx_db_align_end_ins_code 
_struct_ref_seq.pdbx_auth_seq_align_beg 
_struct_ref_seq.pdbx_auth_seq_align_end 
1 1 2HLI A 1 ? 12 ? 2HLI 1  ? 12 ? 1  12 
2 2 2HLI B 1 ? 12 ? 2HLI 13 ? 24 ? 13 24 
# 
_pdbx_struct_assembly.id                   1 
_pdbx_struct_assembly.details              author_defined_assembly 
_pdbx_struct_assembly.method_details       ? 
_pdbx_struct_assembly.oligomeric_details   dimeric 
_pdbx_struct_assembly.oligomeric_count     2 
# 
_pdbx_struct_assembly_gen.assembly_id       1 
_pdbx_struct_assembly_gen.oper_expression   1 
_pdbx_struct_assembly_gen.asym_id_list      A,B 
# 
_pdbx_struct_oper_list.id                   1 
_pdbx_struct_oper_list.type                 'identity operation' 
_pdbx_struct_oper_list.name                 1_555 
_pdbx_struct_oper_list.symmetry_operation   ? 
_pdbx_struct_oper_list.matrix[1][1]         1.0000000000 
_pdbx_struct_oper_list.matrix[1][2]         0.0000000000 
_pdbx_struct_oper_list.matrix[1][3]         0.0000000000 
_pdbx_struct_oper_list.vector[1]            0.0000000000 
_pdbx_struct_oper_list.matrix[2][1]         0.0000000000 
_pdbx_struct_oper_list.matrix[2][2]         1.0000000000 
_pdbx_struct_oper_list.matrix[2][3]         0.0000000000 
_pdbx_struct_oper_list.vector[2]            0.0000000000 
_pdbx_struct_oper_list.matrix[3][1]         0.0000000000 
_pdbx_struct_oper_list.matrix[3][2]         0.0000000000 
_pdbx_struct_oper_list.matrix[3][3]         1.0000000000 
_pdbx_struct_oper_list.vector[3]            0.0000000000 
# 
_struct_biol.id   1 
# 
loop_
_struct_conn.id 
_struct_conn.conn_type_id 
_struct_conn.pdbx_leaving_atom_flag 
_struct_conn.pdbx_PDB_id 
_struct_conn.ptnr1_label_asym_id 
_struct_conn.ptnr1_label_comp_id 
_struct_conn.ptnr1_label_seq_id 
_struct_conn.ptnr1_label_atom_id 
_struct_conn.pdbx_ptnr1_label_alt_id 
_struct_conn.pdbx_ptnr1_PDB_ins_code 
_struct_conn.pdbx_ptnr1_standard_comp_id 
_struct_conn.ptnr1_symmetry 
_struct_conn.ptnr2_label_asym_id 
_struct_conn.ptnr2_label_comp_id 
_struct_conn.ptnr2_label_seq_id 
_struct_conn.ptnr2_label_atom_id 
_struct_conn.pdbx_ptnr2_label_alt_id 
_struct_conn.pdbx_ptnr2_PDB_ins_code 
_struct_conn.ptnr1_auth_asym_id 
_struct_conn.ptnr1_auth_comp_id 
_struct_conn.ptnr1_auth_seq_id 
_struct_conn.ptnr2_auth_asym_id 
_struct_conn.ptnr2_auth_comp_id 
_struct_conn.ptnr2_auth_seq_id 
_struct_conn.ptnr2_symmetry 
_struct_conn.pdbx_ptnr3_label_atom_id 
_struct_conn.pdbx_ptnr3_label_seq_id 
_struct_conn.pdbx_ptnr3_label_comp_id 
_struct_conn.pdbx_ptnr3_label_asym_id 
_struct_conn.pdbx_ptnr3_label_alt_id 
_struct_conn.pdbx_ptnr3_PDB_ins_code 
_struct_conn.details 
_struct_conn.pdbx_dist_value 
_struct_conn.pdbx_value_order 
_struct_conn.pdbx_role 
covale1  covale both ? A DC  6  "O3'" ? ? ? 1_555 A KAG 7  P  ? ? A DC  6  A KAG 7  1_555 ? ? ? ? ? ? ?            1.611 ? ? 
covale2  covale both ? A KAG 7  "O3'" ? ? ? 1_555 A DA  8  P  ? ? A KAG 7  A DA  8  1_555 ? ? ? ? ? ? ?            1.612 ? ? 
hydrog1  hydrog ?    ? A DG  1  N1    ? ? ? 1_555 B DC  12 N3 ? ? A DG  1  B DC  24 1_555 ? ? ? ? ? ? WATSON-CRICK ?     ? ? 
hydrog2  hydrog ?    ? A DG  1  N2    ? ? ? 1_555 B DC  12 O2 ? ? A DG  1  B DC  24 1_555 ? ? ? ? ? ? WATSON-CRICK ?     ? ? 
hydrog3  hydrog ?    ? A DG  1  O6    ? ? ? 1_555 B DC  12 N4 ? ? A DG  1  B DC  24 1_555 ? ? ? ? ? ? WATSON-CRICK ?     ? ? 
hydrog4  hydrog ?    ? A DC  2  N3    ? ? ? 1_555 B DG  11 N1 ? ? A DC  2  B DG  23 1_555 ? ? ? ? ? ? WATSON-CRICK ?     ? ? 
hydrog5  hydrog ?    ? A DC  2  N4    ? ? ? 1_555 B DG  11 O6 ? ? A DC  2  B DG  23 1_555 ? ? ? ? ? ? WATSON-CRICK ?     ? ? 
hydrog6  hydrog ?    ? A DC  2  O2    ? ? ? 1_555 B DG  11 N2 ? ? A DC  2  B DG  23 1_555 ? ? ? ? ? ? WATSON-CRICK ?     ? ? 
hydrog7  hydrog ?    ? A DT  3  N3    ? ? ? 1_555 B DA  10 N1 ? ? A DT  3  B DA  22 1_555 ? ? ? ? ? ? WATSON-CRICK ?     ? ? 
hydrog8  hydrog ?    ? A DT  3  O4    ? ? ? 1_555 B DA  10 N6 ? ? A DT  3  B DA  22 1_555 ? ? ? ? ? ? WATSON-CRICK ?     ? ? 
hydrog9  hydrog ?    ? A DA  4  N1    ? ? ? 1_555 B DT  9  N3 ? ? A DA  4  B DT  21 1_555 ? ? ? ? ? ? WATSON-CRICK ?     ? ? 
hydrog10 hydrog ?    ? A DA  4  N6    ? ? ? 1_555 B DT  9  O4 ? ? A DA  4  B DT  21 1_555 ? ? ? ? ? ? WATSON-CRICK ?     ? ? 
hydrog11 hydrog ?    ? A DG  5  N1    ? ? ? 1_555 B DC  8  N3 ? ? A DG  5  B DC  20 1_555 ? ? ? ? ? ? WATSON-CRICK ?     ? ? 
hydrog12 hydrog ?    ? A DG  5  N2    ? ? ? 1_555 B DC  8  O2 ? ? A DG  5  B DC  20 1_555 ? ? ? ? ? ? WATSON-CRICK ?     ? ? 
hydrog13 hydrog ?    ? A DG  5  O6    ? ? ? 1_555 B DC  8  N4 ? ? A DG  5  B DC  20 1_555 ? ? ? ? ? ? WATSON-CRICK ?     ? ? 
hydrog14 hydrog ?    ? A DC  6  N3    ? ? ? 1_555 B DG  7  N1 ? ? A DC  6  B DG  19 1_555 ? ? ? ? ? ? WATSON-CRICK ?     ? ? 
hydrog15 hydrog ?    ? A DC  6  N4    ? ? ? 1_555 B DG  7  O6 ? ? A DC  6  B DG  19 1_555 ? ? ? ? ? ? WATSON-CRICK ?     ? ? 
hydrog16 hydrog ?    ? A DC  6  O2    ? ? ? 1_555 B DG  7  N2 ? ? A DC  6  B DG  19 1_555 ? ? ? ? ? ? WATSON-CRICK ?     ? ? 
hydrog17 hydrog ?    ? A KAG 7  N1    ? ? ? 1_555 B DC  6  N3 ? ? A KAG 7  B DC  18 1_555 ? ? ? ? ? ? WATSON-CRICK ?     ? ? 
hydrog18 hydrog ?    ? A KAG 7  N2    ? ? ? 1_555 B DC  6  O2 ? ? A KAG 7  B DC  18 1_555 ? ? ? ? ? ? WATSON-CRICK ?     ? ? 
hydrog19 hydrog ?    ? A KAG 7  O6    ? ? ? 1_555 B DC  6  N4 ? ? A KAG 7  B DC  18 1_555 ? ? ? ? ? ? WATSON-CRICK ?     ? ? 
hydrog20 hydrog ?    ? A DA  8  N1    ? ? ? 1_555 B DT  5  N3 ? ? A DA  8  B DT  17 1_555 ? ? ? ? ? ? WATSON-CRICK ?     ? ? 
hydrog21 hydrog ?    ? A DA  8  N6    ? ? ? 1_555 B DT  5  O4 ? ? A DA  8  B DT  17 1_555 ? ? ? ? ? ? WATSON-CRICK ?     ? ? 
hydrog22 hydrog ?    ? A DG  9  N1    ? ? ? 1_555 B DC  4  N3 ? ? A DG  9  B DC  16 1_555 ? ? ? ? ? ? WATSON-CRICK ?     ? ? 
hydrog23 hydrog ?    ? A DG  9  N2    ? ? ? 1_555 B DC  4  O2 ? ? A DG  9  B DC  16 1_555 ? ? ? ? ? ? WATSON-CRICK ?     ? ? 
hydrog24 hydrog ?    ? A DG  9  O6    ? ? ? 1_555 B DC  4  N4 ? ? A DG  9  B DC  16 1_555 ? ? ? ? ? ? WATSON-CRICK ?     ? ? 
hydrog25 hydrog ?    ? A DT  10 N3    ? ? ? 1_555 B DA  3  N1 ? ? A DT  10 B DA  15 1_555 ? ? ? ? ? ? WATSON-CRICK ?     ? ? 
hydrog26 hydrog ?    ? A DT  10 O4    ? ? ? 1_555 B DA  3  N6 ? ? A DT  10 B DA  15 1_555 ? ? ? ? ? ? WATSON-CRICK ?     ? ? 
hydrog27 hydrog ?    ? A DC  11 N3    ? ? ? 1_555 B DG  2  N1 ? ? A DC  11 B DG  14 1_555 ? ? ? ? ? ? WATSON-CRICK ?     ? ? 
hydrog28 hydrog ?    ? A DC  11 N4    ? ? ? 1_555 B DG  2  O6 ? ? A DC  11 B DG  14 1_555 ? ? ? ? ? ? WATSON-CRICK ?     ? ? 
hydrog29 hydrog ?    ? A DC  11 O2    ? ? ? 1_555 B DG  2  N2 ? ? A DC  11 B DG  14 1_555 ? ? ? ? ? ? WATSON-CRICK ?     ? ? 
hydrog30 hydrog ?    ? A DC  12 N3    ? ? ? 1_555 B DG  1  N1 ? ? A DC  12 B DG  13 1_555 ? ? ? ? ? ? WATSON-CRICK ?     ? ? 
hydrog31 hydrog ?    ? A DC  12 N4    ? ? ? 1_555 B DG  1  O6 ? ? A DC  12 B DG  13 1_555 ? ? ? ? ? ? WATSON-CRICK ?     ? ? 
hydrog32 hydrog ?    ? A DC  12 O2    ? ? ? 1_555 B DG  1  N2 ? ? A DC  12 B DG  13 1_555 ? ? ? ? ? ? WATSON-CRICK ?     ? ? 
# 
loop_
_struct_conn_type.id 
_struct_conn_type.criteria 
_struct_conn_type.reference 
covale ? ? 
hydrog ? ? 
# 
loop_
_pdbx_validate_rmsd_angle.id 
_pdbx_validate_rmsd_angle.PDB_model_num 
_pdbx_validate_rmsd_angle.auth_atom_id_1 
_pdbx_validate_rmsd_angle.auth_asym_id_1 
_pdbx_validate_rmsd_angle.auth_comp_id_1 
_pdbx_validate_rmsd_angle.auth_seq_id_1 
_pdbx_validate_rmsd_angle.PDB_ins_code_1 
_pdbx_validate_rmsd_angle.label_alt_id_1 
_pdbx_validate_rmsd_angle.auth_atom_id_2 
_pdbx_validate_rmsd_angle.auth_asym_id_2 
_pdbx_validate_rmsd_angle.auth_comp_id_2 
_pdbx_validate_rmsd_angle.auth_seq_id_2 
_pdbx_validate_rmsd_angle.PDB_ins_code_2 
_pdbx_validate_rmsd_angle.label_alt_id_2 
_pdbx_validate_rmsd_angle.auth_atom_id_3 
_pdbx_validate_rmsd_angle.auth_asym_id_3 
_pdbx_validate_rmsd_angle.auth_comp_id_3 
_pdbx_validate_rmsd_angle.auth_seq_id_3 
_pdbx_validate_rmsd_angle.PDB_ins_code_3 
_pdbx_validate_rmsd_angle.label_alt_id_3 
_pdbx_validate_rmsd_angle.angle_value 
_pdbx_validate_rmsd_angle.angle_target_value 
_pdbx_validate_rmsd_angle.angle_deviation 
_pdbx_validate_rmsd_angle.angle_standard_deviation 
_pdbx_validate_rmsd_angle.linker_flag 
1  1 "O4'" A DG 1  ? ? "C1'" A DG 1  ? ? N9 A DG 1  ? ? 111.15 108.30 2.85  0.30 N 
2  1 N3    A DC 2  ? ? C2    A DC 2  ? ? O2 A DC 2  ? ? 116.93 121.90 -4.97 0.70 N 
3  1 "O4'" A DT 3  ? ? "C1'" A DT 3  ? ? N1 A DT 3  ? ? 112.55 108.30 4.25  0.30 N 
4  1 N3    A DT 3  ? ? C2    A DT 3  ? ? O2 A DT 3  ? ? 118.62 122.30 -3.68 0.60 N 
5  1 C4    A DA 4  ? ? C5    A DA 4  ? ? C6 A DA 4  ? ? 113.77 117.00 -3.23 0.50 N 
6  1 C5    A DA 4  ? ? C6    A DA 4  ? ? N1 A DA 4  ? ? 121.24 117.70 3.54  0.50 N 
7  1 N1    A DA 4  ? ? C6    A DA 4  ? ? N6 A DA 4  ? ? 114.16 118.60 -4.44 0.60 N 
8  1 "O4'" A DC 6  ? ? "C1'" A DC 6  ? ? N1 A DC 6  ? ? 110.55 108.30 2.25  0.30 N 
9  1 N3    A DC 6  ? ? C2    A DC 6  ? ? O2 A DC 6  ? ? 116.58 121.90 -5.32 0.70 N 
10 1 "O4'" A DA 8  ? ? "C1'" A DA 8  ? ? N9 A DA 8  ? ? 110.99 108.30 2.69  0.30 N 
11 1 C4    A DA 8  ? ? C5    A DA 8  ? ? C6 A DA 8  ? ? 113.76 117.00 -3.24 0.50 N 
12 1 C5    A DA 8  ? ? C6    A DA 8  ? ? N1 A DA 8  ? ? 121.46 117.70 3.76  0.50 N 
13 1 N1    A DA 8  ? ? C6    A DA 8  ? ? N6 A DA 8  ? ? 113.93 118.60 -4.67 0.60 N 
14 1 "O4'" A DG 9  ? ? "C1'" A DG 9  ? ? N9 A DG 9  ? ? 110.47 108.30 2.17  0.30 N 
15 1 "O4'" A DT 10 ? ? "C1'" A DT 10 ? ? N1 A DT 10 ? ? 110.68 108.30 2.38  0.30 N 
16 1 C6    A DT 10 ? ? C5    A DT 10 ? ? C7 A DT 10 ? ? 119.25 122.90 -3.65 0.60 N 
17 1 "O4'" A DC 11 ? ? "C1'" A DC 11 ? ? N1 A DC 11 ? ? 111.28 108.30 2.98  0.30 N 
18 1 N3    A DC 11 ? ? C2    A DC 11 ? ? O2 A DC 11 ? ? 116.80 121.90 -5.10 0.70 N 
19 1 "O4'" A DC 12 ? ? "C1'" A DC 12 ? ? N1 A DC 12 ? ? 110.29 108.30 1.99  0.30 N 
20 1 N3    A DC 12 ? ? C2    A DC 12 ? ? O2 A DC 12 ? ? 116.91 121.90 -4.99 0.70 N 
21 1 "O4'" B DG 13 ? ? "C1'" B DG 13 ? ? N9 B DG 13 ? ? 111.54 108.30 3.24  0.30 N 
22 1 "O4'" B DG 14 ? ? "C1'" B DG 14 ? ? N9 B DG 14 ? ? 110.87 108.30 2.57  0.30 N 
23 1 "O4'" B DA 15 ? ? "C1'" B DA 15 ? ? N9 B DA 15 ? ? 111.89 108.30 3.59  0.30 N 
24 1 C4    B DA 15 ? ? C5    B DA 15 ? ? C6 B DA 15 ? ? 113.67 117.00 -3.33 0.50 N 
25 1 C5    B DA 15 ? ? C6    B DA 15 ? ? N1 B DA 15 ? ? 121.45 117.70 3.75  0.50 N 
26 1 N1    B DA 15 ? ? C6    B DA 15 ? ? N6 B DA 15 ? ? 113.63 118.60 -4.97 0.60 N 
27 1 "O4'" B DC 16 ? ? "C1'" B DC 16 ? ? N1 B DC 16 ? ? 113.19 108.30 4.89  0.30 N 
28 1 N1    B DC 16 ? ? C2    B DC 16 ? ? O2 B DC 16 ? ? 122.56 118.90 3.66  0.60 N 
29 1 N3    B DC 16 ? ? C2    B DC 16 ? ? O2 B DC 16 ? ? 116.53 121.90 -5.37 0.70 N 
30 1 "O4'" B DT 17 ? ? "C1'" B DT 17 ? ? N1 B DT 17 ? ? 115.16 108.30 6.86  0.30 N 
31 1 C6    B DT 17 ? ? C5    B DT 17 ? ? C7 B DT 17 ? ? 119.28 122.90 -3.62 0.60 N 
32 1 "O4'" B DC 18 ? ? "C1'" B DC 18 ? ? N1 B DC 18 ? ? 110.92 108.30 2.62  0.30 N 
33 1 N3    B DC 18 ? ? C2    B DC 18 ? ? O2 B DC 18 ? ? 116.54 121.90 -5.36 0.70 N 
34 1 "O4'" B DG 19 ? ? "C1'" B DG 19 ? ? N9 B DG 19 ? ? 111.29 108.30 2.99  0.30 N 
35 1 "O4'" B DC 20 ? ? "C1'" B DC 20 ? ? N1 B DC 20 ? ? 110.75 108.30 2.45  0.30 N 
36 1 N3    B DC 20 ? ? C2    B DC 20 ? ? O2 B DC 20 ? ? 116.84 121.90 -5.06 0.70 N 
37 1 "O4'" B DT 21 ? ? "C1'" B DT 21 ? ? N1 B DT 21 ? ? 111.22 108.30 2.92  0.30 N 
38 1 "O4'" B DA 22 ? ? "C1'" B DA 22 ? ? N9 B DA 22 ? ? 111.54 108.30 3.24  0.30 N 
39 1 C4    B DA 22 ? ? C5    B DA 22 ? ? C6 B DA 22 ? ? 113.59 117.00 -3.41 0.50 N 
40 1 C5    B DA 22 ? ? C6    B DA 22 ? ? N1 B DA 22 ? ? 121.35 117.70 3.65  0.50 N 
41 1 N1    B DA 22 ? ? C6    B DA 22 ? ? N6 B DA 22 ? ? 113.91 118.60 -4.69 0.60 N 
42 1 "O4'" B DG 23 ? ? "C1'" B DG 23 ? ? N9 B DG 23 ? ? 111.71 108.30 3.41  0.30 N 
43 1 "O4'" B DC 24 ? ? "C1'" B DC 24 ? ? N1 B DC 24 ? ? 110.68 108.30 2.38  0.30 N 
44 1 N3    B DC 24 ? ? C2    B DC 24 ? ? O2 B DC 24 ? ? 116.86 121.90 -5.04 0.70 N 
# 
loop_
_pdbx_validate_planes.id 
_pdbx_validate_planes.PDB_model_num 
_pdbx_validate_planes.auth_comp_id 
_pdbx_validate_planes.auth_asym_id 
_pdbx_validate_planes.auth_seq_id 
_pdbx_validate_planes.PDB_ins_code 
_pdbx_validate_planes.label_alt_id 
_pdbx_validate_planes.rmsd 
_pdbx_validate_planes.type 
1 1 DC A 2  ? ? 0.067 'SIDE CHAIN' 
2 1 DT A 3  ? ? 0.059 'SIDE CHAIN' 
3 1 DG B 14 ? ? 0.097 'SIDE CHAIN' 
# 
_pdbx_struct_mod_residue.id               1 
_pdbx_struct_mod_residue.label_asym_id    A 
_pdbx_struct_mod_residue.label_comp_id    KAG 
_pdbx_struct_mod_residue.label_seq_id     7 
_pdbx_struct_mod_residue.auth_asym_id     A 
_pdbx_struct_mod_residue.auth_comp_id     KAG 
_pdbx_struct_mod_residue.auth_seq_id      7 
_pdbx_struct_mod_residue.PDB_ins_code     ? 
_pdbx_struct_mod_residue.parent_comp_id   G 
_pdbx_struct_mod_residue.details          ? 
# 
_pdbx_nmr_ensemble.entry_id                                      2HLI 
_pdbx_nmr_ensemble.conformers_calculated_total_number            10 
_pdbx_nmr_ensemble.conformers_submitted_total_number             1 
_pdbx_nmr_ensemble.conformer_selection_criteria                  'back calculated data agree with experimental NOESY spectrum' 
_pdbx_nmr_ensemble.average_constraints_per_residue               ? 
_pdbx_nmr_ensemble.average_constraint_violations_per_residue     ? 
_pdbx_nmr_ensemble.maximum_distance_constraint_violation         ? 
_pdbx_nmr_ensemble.average_distance_constraint_violation         ? 
_pdbx_nmr_ensemble.maximum_upper_distance_constraint_violation   ? 
_pdbx_nmr_ensemble.maximum_lower_distance_constraint_violation   ? 
_pdbx_nmr_ensemble.distance_constraint_violation_method          ? 
_pdbx_nmr_ensemble.maximum_torsion_angle_constraint_violation    ? 
_pdbx_nmr_ensemble.average_torsion_angle_constraint_violation    ? 
_pdbx_nmr_ensemble.torsion_angle_constraint_violation_method     ? 
# 
_pdbx_nmr_representative.entry_id             2HLI 
_pdbx_nmr_representative.conformer_id         10 
_pdbx_nmr_representative.selection_criteria   'minimized average structure' 
# 
_pdbx_nmr_sample_details.solution_id      1 
_pdbx_nmr_sample_details.contents         
;1 mM in 0.25 mL; 
10 mM Sodium phosphate buffer; 
0.1 M NaCl; 50 uMNa2EDTA
;
_pdbx_nmr_sample_details.solvent_system   '99.996% D2O' 
# 
_pdbx_nmr_exptl_sample_conditions.conditions_id       1 
_pdbx_nmr_exptl_sample_conditions.temperature         303 
_pdbx_nmr_exptl_sample_conditions.pressure            1 
_pdbx_nmr_exptl_sample_conditions.pH                  9.3 
_pdbx_nmr_exptl_sample_conditions.ionic_strength      '0.1 M NaCl' 
_pdbx_nmr_exptl_sample_conditions.pressure_units      atm 
_pdbx_nmr_exptl_sample_conditions.temperature_units   K 
# 
loop_
_pdbx_nmr_exptl.experiment_id 
_pdbx_nmr_exptl.conditions_id 
_pdbx_nmr_exptl.type 
_pdbx_nmr_exptl.solution_id 
1 1 '2D NOESY' 1 
2 2 DQF-COSY   2 
3 3 E-COSY     3 
# 
_pdbx_nmr_details.entry_id   2HLI 
_pdbx_nmr_details.text       'This structure was determined using standard 2D homonuclear techniques.' 
# 
_pdbx_nmr_refine.entry_id           2HLI 
_pdbx_nmr_refine.method             'distance geometry simulated annealing molecular dynamics matrix relaxation and torsion angle' 
_pdbx_nmr_refine.details            '308 distance restraints, 90 sugar pucker restraints, 52 H-bonding restraints' 
_pdbx_nmr_refine.software_ordinal   1 
# 
loop_
_pdbx_nmr_software.classification 
_pdbx_nmr_software.name 
_pdbx_nmr_software.version 
_pdbx_nmr_software.authors 
_pdbx_nmr_software.ordinal 
collection                    XwinNMR   3.5   Bruker               1 
processing                    NMRPipe   2.3   'Delaglio F et al.'  2 
'data analysis'               Felix     2000  'Accelrys, Inc.'     3 
'iterative matrix relaxation' MARDIGRAS 5.2.1 'Keepers, JW et al.' 4 
refinement                    Amber     8.0   'Case et al'         5 
'data analysis'               CORMA     5.2   'Keepers JW et al.'  6 
# 
loop_
_chem_comp_atom.comp_id 
_chem_comp_atom.atom_id 
_chem_comp_atom.type_symbol 
_chem_comp_atom.pdbx_aromatic_flag 
_chem_comp_atom.pdbx_stereo_config 
_chem_comp_atom.pdbx_ordinal 
DA  OP3    O N N 1   
DA  P      P N N 2   
DA  OP1    O N N 3   
DA  OP2    O N N 4   
DA  "O5'"  O N N 5   
DA  "C5'"  C N N 6   
DA  "C4'"  C N R 7   
DA  "O4'"  O N N 8   
DA  "C3'"  C N S 9   
DA  "O3'"  O N N 10  
DA  "C2'"  C N N 11  
DA  "C1'"  C N R 12  
DA  N9     N Y N 13  
DA  C8     C Y N 14  
DA  N7     N Y N 15  
DA  C5     C Y N 16  
DA  C6     C Y N 17  
DA  N6     N N N 18  
DA  N1     N Y N 19  
DA  C2     C Y N 20  
DA  N3     N Y N 21  
DA  C4     C Y N 22  
DA  HOP3   H N N 23  
DA  HOP2   H N N 24  
DA  "H5'"  H N N 25  
DA  "H5''" H N N 26  
DA  "H4'"  H N N 27  
DA  "H3'"  H N N 28  
DA  "HO3'" H N N 29  
DA  "H2'"  H N N 30  
DA  "H2''" H N N 31  
DA  "H1'"  H N N 32  
DA  H8     H N N 33  
DA  H61    H N N 34  
DA  H62    H N N 35  
DA  H2     H N N 36  
DC  OP3    O N N 37  
DC  P      P N N 38  
DC  OP1    O N N 39  
DC  OP2    O N N 40  
DC  "O5'"  O N N 41  
DC  "C5'"  C N N 42  
DC  "C4'"  C N R 43  
DC  "O4'"  O N N 44  
DC  "C3'"  C N S 45  
DC  "O3'"  O N N 46  
DC  "C2'"  C N N 47  
DC  "C1'"  C N R 48  
DC  N1     N N N 49  
DC  C2     C N N 50  
DC  O2     O N N 51  
DC  N3     N N N 52  
DC  C4     C N N 53  
DC  N4     N N N 54  
DC  C5     C N N 55  
DC  C6     C N N 56  
DC  HOP3   H N N 57  
DC  HOP2   H N N 58  
DC  "H5'"  H N N 59  
DC  "H5''" H N N 60  
DC  "H4'"  H N N 61  
DC  "H3'"  H N N 62  
DC  "HO3'" H N N 63  
DC  "H2'"  H N N 64  
DC  "H2''" H N N 65  
DC  "H1'"  H N N 66  
DC  H41    H N N 67  
DC  H42    H N N 68  
DC  H5     H N N 69  
DC  H6     H N N 70  
DG  OP3    O N N 71  
DG  P      P N N 72  
DG  OP1    O N N 73  
DG  OP2    O N N 74  
DG  "O5'"  O N N 75  
DG  "C5'"  C N N 76  
DG  "C4'"  C N R 77  
DG  "O4'"  O N N 78  
DG  "C3'"  C N S 79  
DG  "O3'"  O N N 80  
DG  "C2'"  C N N 81  
DG  "C1'"  C N R 82  
DG  N9     N Y N 83  
DG  C8     C Y N 84  
DG  N7     N Y N 85  
DG  C5     C Y N 86  
DG  C6     C N N 87  
DG  O6     O N N 88  
DG  N1     N N N 89  
DG  C2     C N N 90  
DG  N2     N N N 91  
DG  N3     N N N 92  
DG  C4     C Y N 93  
DG  HOP3   H N N 94  
DG  HOP2   H N N 95  
DG  "H5'"  H N N 96  
DG  "H5''" H N N 97  
DG  "H4'"  H N N 98  
DG  "H3'"  H N N 99  
DG  "HO3'" H N N 100 
DG  "H2'"  H N N 101 
DG  "H2''" H N N 102 
DG  "H1'"  H N N 103 
DG  H8     H N N 104 
DG  H1     H N N 105 
DG  H21    H N N 106 
DG  H22    H N N 107 
DT  OP3    O N N 108 
DT  P      P N N 109 
DT  OP1    O N N 110 
DT  OP2    O N N 111 
DT  "O5'"  O N N 112 
DT  "C5'"  C N N 113 
DT  "C4'"  C N R 114 
DT  "O4'"  O N N 115 
DT  "C3'"  C N S 116 
DT  "O3'"  O N N 117 
DT  "C2'"  C N N 118 
DT  "C1'"  C N R 119 
DT  N1     N N N 120 
DT  C2     C N N 121 
DT  O2     O N N 122 
DT  N3     N N N 123 
DT  C4     C N N 124 
DT  O4     O N N 125 
DT  C5     C N N 126 
DT  C7     C N N 127 
DT  C6     C N N 128 
DT  HOP3   H N N 129 
DT  HOP2   H N N 130 
DT  "H5'"  H N N 131 
DT  "H5''" H N N 132 
DT  "H4'"  H N N 133 
DT  "H3'"  H N N 134 
DT  "HO3'" H N N 135 
DT  "H2'"  H N N 136 
DT  "H2''" H N N 137 
DT  "H1'"  H N N 138 
DT  H3     H N N 139 
DT  H71    H N N 140 
DT  H72    H N N 141 
DT  H73    H N N 142 
DT  H6     H N N 143 
KAG OP3    O N N 144 
KAG OP1    O N N 145 
KAG P      P N N 146 
KAG OP2    O N N 147 
KAG "O5'"  O N N 148 
KAG "C5'"  C N N 149 
KAG "C4'"  C N R 150 
KAG "O4'"  O N N 151 
KAG "C3'"  C N S 152 
KAG "O3'"  O N N 153 
KAG "C2'"  C N N 154 
KAG "C1'"  C N R 155 
KAG N9     N Y N 156 
KAG C4     C Y N 157 
KAG N3     N N N 158 
KAG C8     C Y N 159 
KAG N7     N Y N 160 
KAG C5     C Y N 161 
KAG C6     C N N 162 
KAG O6     O N N 163 
KAG N1     N N N 164 
KAG C2     C N N 165 
KAG N2     N N N 166 
KAG C1A    C N S 167 
KAG C1M    C N N 168 
KAG C2B    C N N 169 
KAG C3G    C N N 170 
KAG O2G    O N N 171 
KAG "H5'"  H N N 172 
KAG "H5''" H N N 173 
KAG "H4'"  H N N 174 
KAG "H3'"  H N N 175 
KAG "H2''" H N N 176 
KAG "H2'"  H N N 177 
KAG "H1'"  H N N 178 
KAG H8     H N N 179 
KAG H1     H N N 180 
KAG H2     H N N 181 
KAG H1A    H N N 182 
KAG H1M    H N N 183 
KAG H2M    H N N 184 
KAG H3M    H N N 185 
KAG H2B    H N N 186 
KAG H1B    H N N 187 
KAG H3G    H N N 188 
KAG HO1    H N N 189 
KAG HO2    H N N 190 
KAG HO3    H N N 191 
# 
loop_
_chem_comp_bond.comp_id 
_chem_comp_bond.atom_id_1 
_chem_comp_bond.atom_id_2 
_chem_comp_bond.value_order 
_chem_comp_bond.pdbx_aromatic_flag 
_chem_comp_bond.pdbx_stereo_config 
_chem_comp_bond.pdbx_ordinal 
DA  OP3   P      sing N N 1   
DA  OP3   HOP3   sing N N 2   
DA  P     OP1    doub N N 3   
DA  P     OP2    sing N N 4   
DA  P     "O5'"  sing N N 5   
DA  OP2   HOP2   sing N N 6   
DA  "O5'" "C5'"  sing N N 7   
DA  "C5'" "C4'"  sing N N 8   
DA  "C5'" "H5'"  sing N N 9   
DA  "C5'" "H5''" sing N N 10  
DA  "C4'" "O4'"  sing N N 11  
DA  "C4'" "C3'"  sing N N 12  
DA  "C4'" "H4'"  sing N N 13  
DA  "O4'" "C1'"  sing N N 14  
DA  "C3'" "O3'"  sing N N 15  
DA  "C3'" "C2'"  sing N N 16  
DA  "C3'" "H3'"  sing N N 17  
DA  "O3'" "HO3'" sing N N 18  
DA  "C2'" "C1'"  sing N N 19  
DA  "C2'" "H2'"  sing N N 20  
DA  "C2'" "H2''" sing N N 21  
DA  "C1'" N9     sing N N 22  
DA  "C1'" "H1'"  sing N N 23  
DA  N9    C8     sing Y N 24  
DA  N9    C4     sing Y N 25  
DA  C8    N7     doub Y N 26  
DA  C8    H8     sing N N 27  
DA  N7    C5     sing Y N 28  
DA  C5    C6     sing Y N 29  
DA  C5    C4     doub Y N 30  
DA  C6    N6     sing N N 31  
DA  C6    N1     doub Y N 32  
DA  N6    H61    sing N N 33  
DA  N6    H62    sing N N 34  
DA  N1    C2     sing Y N 35  
DA  C2    N3     doub Y N 36  
DA  C2    H2     sing N N 37  
DA  N3    C4     sing Y N 38  
DC  OP3   P      sing N N 39  
DC  OP3   HOP3   sing N N 40  
DC  P     OP1    doub N N 41  
DC  P     OP2    sing N N 42  
DC  P     "O5'"  sing N N 43  
DC  OP2   HOP2   sing N N 44  
DC  "O5'" "C5'"  sing N N 45  
DC  "C5'" "C4'"  sing N N 46  
DC  "C5'" "H5'"  sing N N 47  
DC  "C5'" "H5''" sing N N 48  
DC  "C4'" "O4'"  sing N N 49  
DC  "C4'" "C3'"  sing N N 50  
DC  "C4'" "H4'"  sing N N 51  
DC  "O4'" "C1'"  sing N N 52  
DC  "C3'" "O3'"  sing N N 53  
DC  "C3'" "C2'"  sing N N 54  
DC  "C3'" "H3'"  sing N N 55  
DC  "O3'" "HO3'" sing N N 56  
DC  "C2'" "C1'"  sing N N 57  
DC  "C2'" "H2'"  sing N N 58  
DC  "C2'" "H2''" sing N N 59  
DC  "C1'" N1     sing N N 60  
DC  "C1'" "H1'"  sing N N 61  
DC  N1    C2     sing N N 62  
DC  N1    C6     sing N N 63  
DC  C2    O2     doub N N 64  
DC  C2    N3     sing N N 65  
DC  N3    C4     doub N N 66  
DC  C4    N4     sing N N 67  
DC  C4    C5     sing N N 68  
DC  N4    H41    sing N N 69  
DC  N4    H42    sing N N 70  
DC  C5    C6     doub N N 71  
DC  C5    H5     sing N N 72  
DC  C6    H6     sing N N 73  
DG  OP3   P      sing N N 74  
DG  OP3   HOP3   sing N N 75  
DG  P     OP1    doub N N 76  
DG  P     OP2    sing N N 77  
DG  P     "O5'"  sing N N 78  
DG  OP2   HOP2   sing N N 79  
DG  "O5'" "C5'"  sing N N 80  
DG  "C5'" "C4'"  sing N N 81  
DG  "C5'" "H5'"  sing N N 82  
DG  "C5'" "H5''" sing N N 83  
DG  "C4'" "O4'"  sing N N 84  
DG  "C4'" "C3'"  sing N N 85  
DG  "C4'" "H4'"  sing N N 86  
DG  "O4'" "C1'"  sing N N 87  
DG  "C3'" "O3'"  sing N N 88  
DG  "C3'" "C2'"  sing N N 89  
DG  "C3'" "H3'"  sing N N 90  
DG  "O3'" "HO3'" sing N N 91  
DG  "C2'" "C1'"  sing N N 92  
DG  "C2'" "H2'"  sing N N 93  
DG  "C2'" "H2''" sing N N 94  
DG  "C1'" N9     sing N N 95  
DG  "C1'" "H1'"  sing N N 96  
DG  N9    C8     sing Y N 97  
DG  N9    C4     sing Y N 98  
DG  C8    N7     doub Y N 99  
DG  C8    H8     sing N N 100 
DG  N7    C5     sing Y N 101 
DG  C5    C6     sing N N 102 
DG  C5    C4     doub Y N 103 
DG  C6    O6     doub N N 104 
DG  C6    N1     sing N N 105 
DG  N1    C2     sing N N 106 
DG  N1    H1     sing N N 107 
DG  C2    N2     sing N N 108 
DG  C2    N3     doub N N 109 
DG  N2    H21    sing N N 110 
DG  N2    H22    sing N N 111 
DG  N3    C4     sing N N 112 
DT  OP3   P      sing N N 113 
DT  OP3   HOP3   sing N N 114 
DT  P     OP1    doub N N 115 
DT  P     OP2    sing N N 116 
DT  P     "O5'"  sing N N 117 
DT  OP2   HOP2   sing N N 118 
DT  "O5'" "C5'"  sing N N 119 
DT  "C5'" "C4'"  sing N N 120 
DT  "C5'" "H5'"  sing N N 121 
DT  "C5'" "H5''" sing N N 122 
DT  "C4'" "O4'"  sing N N 123 
DT  "C4'" "C3'"  sing N N 124 
DT  "C4'" "H4'"  sing N N 125 
DT  "O4'" "C1'"  sing N N 126 
DT  "C3'" "O3'"  sing N N 127 
DT  "C3'" "C2'"  sing N N 128 
DT  "C3'" "H3'"  sing N N 129 
DT  "O3'" "HO3'" sing N N 130 
DT  "C2'" "C1'"  sing N N 131 
DT  "C2'" "H2'"  sing N N 132 
DT  "C2'" "H2''" sing N N 133 
DT  "C1'" N1     sing N N 134 
DT  "C1'" "H1'"  sing N N 135 
DT  N1    C2     sing N N 136 
DT  N1    C6     sing N N 137 
DT  C2    O2     doub N N 138 
DT  C2    N3     sing N N 139 
DT  N3    C4     sing N N 140 
DT  N3    H3     sing N N 141 
DT  C4    O4     doub N N 142 
DT  C4    C5     sing N N 143 
DT  C5    C7     sing N N 144 
DT  C5    C6     doub N N 145 
DT  C7    H71    sing N N 146 
DT  C7    H72    sing N N 147 
DT  C7    H73    sing N N 148 
DT  C6    H6     sing N N 149 
KAG OP3   P      sing N N 150 
KAG OP1   P      sing N N 151 
KAG P     OP2    doub N N 152 
KAG P     "O5'"  sing N N 153 
KAG "O5'" "C5'"  sing N N 154 
KAG "C5'" "C4'"  sing N N 155 
KAG "C5'" "H5'"  sing N N 156 
KAG "C5'" "H5''" sing N N 157 
KAG "C4'" "O4'"  sing N N 158 
KAG "C4'" "C3'"  sing N N 159 
KAG "C4'" "H4'"  sing N N 160 
KAG "O4'" "C1'"  sing N N 161 
KAG "C3'" "O3'"  sing N N 162 
KAG "C3'" "C2'"  sing N N 163 
KAG "C3'" "H3'"  sing N N 164 
KAG "C2'" "C1'"  sing N N 165 
KAG "C2'" "H2''" sing N N 166 
KAG "C2'" "H2'"  sing N N 167 
KAG "C1'" N9     sing N N 168 
KAG "C1'" "H1'"  sing N N 169 
KAG N9    C4     sing Y N 170 
KAG N9    C8     sing Y N 171 
KAG C4    N3     sing N N 172 
KAG C4    C5     doub Y N 173 
KAG N3    C2     doub N N 174 
KAG C8    N7     doub Y N 175 
KAG C8    H8     sing N N 176 
KAG N7    C5     sing Y N 177 
KAG C5    C6     sing N N 178 
KAG C6    O6     doub N N 179 
KAG C6    N1     sing N N 180 
KAG N1    C2     sing N N 181 
KAG N1    H1     sing N N 182 
KAG C2    N2     sing N N 183 
KAG N2    C1A    sing N N 184 
KAG N2    H2     sing N N 185 
KAG C1A   C1M    sing N N 186 
KAG C1A   C2B    sing N N 187 
KAG C1A   H1A    sing N N 188 
KAG C1M   H1M    sing N N 189 
KAG C1M   H2M    sing N N 190 
KAG C1M   H3M    sing N N 191 
KAG C2B   C3G    sing N N 192 
KAG C2B   H2B    sing N N 193 
KAG C2B   H1B    sing N N 194 
KAG C3G   O2G    doub N N 195 
KAG C3G   H3G    sing N N 196 
KAG HO1   OP3    sing N N 197 
KAG HO2   OP1    sing N N 198 
KAG HO3   "O3'"  sing N N 199 
# 
_ndb_struct_conf_na.entry_id   2HLI 
_ndb_struct_conf_na.feature    'b-form double helix' 
# 
loop_
_ndb_struct_na_base_pair.model_number 
_ndb_struct_na_base_pair.i_label_asym_id 
_ndb_struct_na_base_pair.i_label_comp_id 
_ndb_struct_na_base_pair.i_label_seq_id 
_ndb_struct_na_base_pair.i_symmetry 
_ndb_struct_na_base_pair.j_label_asym_id 
_ndb_struct_na_base_pair.j_label_comp_id 
_ndb_struct_na_base_pair.j_label_seq_id 
_ndb_struct_na_base_pair.j_symmetry 
_ndb_struct_na_base_pair.shear 
_ndb_struct_na_base_pair.stretch 
_ndb_struct_na_base_pair.stagger 
_ndb_struct_na_base_pair.buckle 
_ndb_struct_na_base_pair.propeller 
_ndb_struct_na_base_pair.opening 
_ndb_struct_na_base_pair.pair_number 
_ndb_struct_na_base_pair.pair_name 
_ndb_struct_na_base_pair.i_auth_asym_id 
_ndb_struct_na_base_pair.i_auth_seq_id 
_ndb_struct_na_base_pair.i_PDB_ins_code 
_ndb_struct_na_base_pair.j_auth_asym_id 
_ndb_struct_na_base_pair.j_auth_seq_id 
_ndb_struct_na_base_pair.j_PDB_ins_code 
_ndb_struct_na_base_pair.hbond_type_28 
_ndb_struct_na_base_pair.hbond_type_12 
1 A DG  1  1_555 B DC 12 1_555 -0.488 -0.102 -0.040 -0.904  -5.805  0.669  1  A_DG1:DC24_B  A 1  ? B 24 ? 19 1 
1 A DC  2  1_555 B DG 11 1_555 0.538  -0.158 0.238  -4.896  -12.192 -0.486 2  A_DC2:DG23_B  A 2  ? B 23 ? 19 1 
1 A DT  3  1_555 B DA 10 1_555 -0.065 -0.003 -0.054 6.079   -5.607  -1.184 3  A_DT3:DA22_B  A 3  ? B 22 ? 20 1 
1 A DA  4  1_555 B DT 9  1_555 0.061  -0.021 0.108  -2.980  -8.030  -1.086 4  A_DA4:DT21_B  A 4  ? B 21 ? 20 1 
1 A DG  5  1_555 B DC 8  1_555 -0.387 -0.119 0.173  3.018   -5.903  -0.691 5  A_DG5:DC20_B  A 5  ? B 20 ? 19 1 
1 A DC  6  1_555 B DG 7  1_555 0.327  -0.063 -0.092 13.018  -9.601  1.360  6  A_DC6:DG19_B  A 6  ? B 19 ? 19 1 
1 A KAG 7  1_555 B DC 6  1_555 -0.422 -0.096 -0.176 -2.524  -14.044 -0.282 7  A_KAG7:DC18_B A 7  ? B 18 ? 19 1 
1 A DA  8  1_555 B DT 5  1_555 0.256  0.043  -0.053 5.545   -6.489  -2.580 8  A_DA8:DT17_B  A 8  ? B 17 ? 20 1 
1 A DG  9  1_555 B DC 4  1_555 -0.322 -0.106 0.235  2.777   -16.852 -1.063 9  A_DG9:DC16_B  A 9  ? B 16 ? 19 1 
1 A DT  10 1_555 B DA 3  1_555 -0.202 0.031  -0.094 -1.780  -9.529  -1.430 10 A_DT10:DA15_B A 10 ? B 15 ? 20 1 
1 A DC  11 1_555 B DG 2  1_555 0.388  -0.096 -0.144 1.466   -20.838 3.123  11 A_DC11:DG14_B A 11 ? B 14 ? 19 1 
1 A DC  12 1_555 B DG 1  1_555 0.578  -0.124 0.047  -16.857 -3.292  0.473  12 A_DC12:DG13_B A 12 ? B 13 ? 19 1 
# 
loop_
_ndb_struct_na_base_pair_step.model_number 
_ndb_struct_na_base_pair_step.i_label_asym_id_1 
_ndb_struct_na_base_pair_step.i_label_comp_id_1 
_ndb_struct_na_base_pair_step.i_label_seq_id_1 
_ndb_struct_na_base_pair_step.i_symmetry_1 
_ndb_struct_na_base_pair_step.j_label_asym_id_1 
_ndb_struct_na_base_pair_step.j_label_comp_id_1 
_ndb_struct_na_base_pair_step.j_label_seq_id_1 
_ndb_struct_na_base_pair_step.j_symmetry_1 
_ndb_struct_na_base_pair_step.i_label_asym_id_2 
_ndb_struct_na_base_pair_step.i_label_comp_id_2 
_ndb_struct_na_base_pair_step.i_label_seq_id_2 
_ndb_struct_na_base_pair_step.i_symmetry_2 
_ndb_struct_na_base_pair_step.j_label_asym_id_2 
_ndb_struct_na_base_pair_step.j_label_comp_id_2 
_ndb_struct_na_base_pair_step.j_label_seq_id_2 
_ndb_struct_na_base_pair_step.j_symmetry_2 
_ndb_struct_na_base_pair_step.shift 
_ndb_struct_na_base_pair_step.slide 
_ndb_struct_na_base_pair_step.rise 
_ndb_struct_na_base_pair_step.tilt 
_ndb_struct_na_base_pair_step.roll 
_ndb_struct_na_base_pair_step.twist 
_ndb_struct_na_base_pair_step.x_displacement 
_ndb_struct_na_base_pair_step.y_displacement 
_ndb_struct_na_base_pair_step.helical_rise 
_ndb_struct_na_base_pair_step.inclination 
_ndb_struct_na_base_pair_step.tip 
_ndb_struct_na_base_pair_step.helical_twist 
_ndb_struct_na_base_pair_step.step_number 
_ndb_struct_na_base_pair_step.step_name 
_ndb_struct_na_base_pair_step.i_auth_asym_id_1 
_ndb_struct_na_base_pair_step.i_auth_seq_id_1 
_ndb_struct_na_base_pair_step.i_PDB_ins_code_1 
_ndb_struct_na_base_pair_step.j_auth_asym_id_1 
_ndb_struct_na_base_pair_step.j_auth_seq_id_1 
_ndb_struct_na_base_pair_step.j_PDB_ins_code_1 
_ndb_struct_na_base_pair_step.i_auth_asym_id_2 
_ndb_struct_na_base_pair_step.i_auth_seq_id_2 
_ndb_struct_na_base_pair_step.i_PDB_ins_code_2 
_ndb_struct_na_base_pair_step.j_auth_asym_id_2 
_ndb_struct_na_base_pair_step.j_auth_seq_id_2 
_ndb_struct_na_base_pair_step.j_PDB_ins_code_2 
1 A DG  1  1_555 B DC 12 1_555 A DC  2  1_555 B DG 11 1_555 -0.671 -0.752 3.371 -3.383 3.678  41.240 -1.463 0.577  3.337 5.199  
4.781  41.528 1  AA_DG1DC2:DG23DC24_BB   A 1  ? B 24 ? A 2  ? B 23 ? 
1 A DC  2  1_555 B DG 11 1_555 A DT  3  1_555 B DA 10 1_555 0.424  -0.360 3.027 3.153  2.802  28.088 -1.332 -0.191 3.006 5.732  
-6.450 28.397 2  AA_DC2DT3:DA22DG23_BB   A 2  ? B 23 ? A 3  ? B 22 ? 
1 A DT  3  1_555 B DA 10 1_555 A DA  4  1_555 B DT 9  1_555 -0.125 -0.133 3.495 -2.066 -2.778 42.537 0.116  -0.050 3.499 -3.821 
2.842  42.671 3  AA_DT3DA4:DT21DA22_BB   A 3  ? B 22 ? A 4  ? B 21 ? 
1 A DA  4  1_555 B DT 9  1_555 A DG  5  1_555 B DC 8  1_555 -0.226 -1.126 3.197 -1.572 -0.768 30.394 -1.994 0.122  3.231 -1.463 
2.995  30.443 4  AA_DA4DG5:DC20DT21_BB   A 4  ? B 21 ? A 5  ? B 20 ? 
1 A DG  5  1_555 B DC 8  1_555 A DC  6  1_555 B DG 7  1_555 0.685  -0.215 3.085 3.062  0.902  37.800 -0.440 -0.682 3.124 1.389  
-4.716 37.929 5  AA_DG5DC6:DG19DC20_BB   A 5  ? B 20 ? A 6  ? B 19 ? 
1 A DC  6  1_555 B DG 7  1_555 A KAG 7  1_555 B DC 6  1_555 -1.197 -0.365 3.523 -5.432 8.370  34.922 -1.868 1.091  3.488 13.607 
8.831  36.277 6  AA_DC6KAG7:DC18DG19_BB  A 6  ? B 19 ? A 7  ? B 18 ? 
1 A KAG 7  1_555 B DC 6  1_555 A DA  8  1_555 B DT 5  1_555 0.369  -0.098 3.193 0.681  -4.811 37.460 0.457  -0.484 3.187 -7.453 
-1.056 37.762 7  AA_KAG7DA8:DT17DC18_BB  A 7  ? B 18 ? A 8  ? B 17 ? 
1 A DA  8  1_555 B DT 5  1_555 A DG  9  1_555 B DC 4  1_555 -0.812 0.335  3.221 -5.045 -0.137 33.308 0.601  0.578  3.303 -0.237 
8.739  33.677 8  AA_DA8DG9:DC16DT17_BB   A 8  ? B 17 ? A 9  ? B 16 ? 
1 A DG  9  1_555 B DC 4  1_555 A DT  10 1_555 B DA 3  1_555 0.401  -0.539 3.336 5.226  -2.544 36.449 -0.496 0.098  3.388 -4.036 
-8.290 36.894 9  AA_DG9DT10:DA15DC16_BB  A 9  ? B 16 ? A 10 ? B 15 ? 
1 A DT  10 1_555 B DA 3  1_555 A DC  11 1_555 B DG 2  1_555 -0.441 0.102  3.157 -1.864 -0.356 37.314 0.205  0.451  3.174 -0.555 
2.910  37.360 10 AA_DT10DC11:DG14DA15_BB A 10 ? B 15 ? A 11 ? B 14 ? 
1 A DC  11 1_555 B DG 2  1_555 A DC  12 1_555 B DG 1  1_555 0.831  -0.624 3.661 3.673  3.911  39.009 -1.446 -0.745 3.644 5.822  
-5.468 39.362 11 AA_DC11DC12:DG13DG14_BB A 11 ? B 14 ? A 12 ? B 13 ? 
# 
loop_
_pdbx_nmr_spectrometer.spectrometer_id 
_pdbx_nmr_spectrometer.model 
_pdbx_nmr_spectrometer.manufacturer 
_pdbx_nmr_spectrometer.field_strength 
_pdbx_nmr_spectrometer.type 
1 AVANCE Bruker 800 ? 
2 AVANCE Bruker 600 ? 
3 AVANCE Bruker 500 ? 
# 
_atom_sites.entry_id                    2HLI 
_atom_sites.fract_transf_matrix[1][1]   1.000000 
_atom_sites.fract_transf_matrix[1][2]   0.000000 
_atom_sites.fract_transf_matrix[1][3]   0.000000 
_atom_sites.fract_transf_matrix[2][1]   0.000000 
_atom_sites.fract_transf_matrix[2][2]   1.000000 
_atom_sites.fract_transf_matrix[2][3]   0.000000 
_atom_sites.fract_transf_matrix[3][1]   0.000000 
_atom_sites.fract_transf_matrix[3][2]   0.000000 
_atom_sites.fract_transf_matrix[3][3]   1.000000 
_atom_sites.fract_transf_vector[1]      0.00000 
_atom_sites.fract_transf_vector[2]      0.00000 
_atom_sites.fract_transf_vector[3]      0.00000 
# 
loop_
_atom_type.symbol 
C 
H 
N 
O 
P 
# 
loop_
_atom_site.group_PDB 
_atom_site.id 
_atom_site.type_symbol 
_atom_site.label_atom_id 
_atom_site.label_alt_id 
_atom_site.label_comp_id 
_atom_site.label_asym_id 
_atom_site.label_entity_id 
_atom_site.label_seq_id 
_atom_site.pdbx_PDB_ins_code 
_atom_site.Cartn_x 
_atom_site.Cartn_y 
_atom_site.Cartn_z 
_atom_site.occupancy 
_atom_site.B_iso_or_equiv 
_atom_site.pdbx_formal_charge 
_atom_site.auth_seq_id 
_atom_site.auth_comp_id 
_atom_site.auth_asym_id 
_atom_site.auth_atom_id 
_atom_site.pdbx_PDB_model_num 
ATOM   1   O "O5'"  . DG  A 1 1  ? -8.019  10.658  -18.569 1.00 0.00 ? 1  DG  A "O5'"  1 
ATOM   2   C "C5'"  . DG  A 1 1  ? -8.116  9.977   -17.320 1.00 0.00 ? 1  DG  A "C5'"  1 
ATOM   3   C "C4'"  . DG  A 1 1  ? -7.564  8.545   -17.417 1.00 0.00 ? 1  DG  A "C4'"  1 
ATOM   4   O "O4'"  . DG  A 1 1  ? -6.149  8.585   -17.593 1.00 0.00 ? 1  DG  A "O4'"  1 
ATOM   5   C "C3'"  . DG  A 1 1  ? -7.848  7.718   -16.146 1.00 0.00 ? 1  DG  A "C3'"  1 
ATOM   6   O "O3'"  . DG  A 1 1  ? -8.419  6.472   -16.534 1.00 0.00 ? 1  DG  A "O3'"  1 
ATOM   7   C "C2'"  . DG  A 1 1  ? -6.454  7.579   -15.530 1.00 0.00 ? 1  DG  A "C2'"  1 
ATOM   8   C "C1'"  . DG  A 1 1  ? -5.575  7.584   -16.773 1.00 0.00 ? 1  DG  A "C1'"  1 
ATOM   9   N N9     . DG  A 1 1  ? -4.152  7.882   -16.483 1.00 0.00 ? 1  DG  A N9     1 
ATOM   10  C C8     . DG  A 1 1  ? -3.610  8.972   -15.842 1.00 0.00 ? 1  DG  A C8     1 
ATOM   11  N N7     . DG  A 1 1  ? -2.305  8.945   -15.741 1.00 0.00 ? 1  DG  A N7     1 
ATOM   12  C C5     . DG  A 1 1  ? -1.953  7.730   -16.353 1.00 0.00 ? 1  DG  A C5     1 
ATOM   13  C C6     . DG  A 1 1  ? -0.673  7.100   -16.576 1.00 0.00 ? 1  DG  A C6     1 
ATOM   14  O O6     . DG  A 1 1  ? 0.459   7.507   -16.303 1.00 0.00 ? 1  DG  A O6     1 
ATOM   15  N N1     . DG  A 1 1  ? -0.767  5.868   -17.193 1.00 0.00 ? 1  DG  A N1     1 
ATOM   16  C C2     . DG  A 1 1  ? -1.938  5.309   -17.584 1.00 0.00 ? 1  DG  A C2     1 
ATOM   17  N N2     . DG  A 1 1  ? -1.891  4.131   -18.140 1.00 0.00 ? 1  DG  A N2     1 
ATOM   18  N N3     . DG  A 1 1  ? -3.137  5.864   -17.433 1.00 0.00 ? 1  DG  A N3     1 
ATOM   19  C C4     . DG  A 1 1  ? -3.082  7.075   -16.801 1.00 0.00 ? 1  DG  A C4     1 
ATOM   20  H "H5'"  . DG  A 1 1  ? -9.166  9.929   -17.023 1.00 0.00 ? 1  DG  A "H5'"  1 
ATOM   21  H "H5''" . DG  A 1 1  ? -7.565  10.523  -16.550 1.00 0.00 ? 1  DG  A "H5''" 1 
ATOM   22  H "H4'"  . DG  A 1 1  ? -8.027  8.045   -18.271 1.00 0.00 ? 1  DG  A "H4'"  1 
ATOM   23  H "H3'"  . DG  A 1 1  ? -8.519  8.249   -15.467 1.00 0.00 ? 1  DG  A "H3'"  1 
ATOM   24  H "H2'"  . DG  A 1 1  ? -6.247  8.447   -14.903 1.00 0.00 ? 1  DG  A "H2'"  1 
ATOM   25  H "H2''" . DG  A 1 1  ? -6.334  6.663   -14.957 1.00 0.00 ? 1  DG  A "H2''" 1 
ATOM   26  H "H1'"  . DG  A 1 1  ? -5.652  6.610   -17.266 1.00 0.00 ? 1  DG  A "H1'"  1 
ATOM   27  H H8     . DG  A 1 1  ? -4.221  9.787   -15.471 1.00 0.00 ? 1  DG  A H8     1 
ATOM   28  H H1     . DG  A 1 1  ? 0.093   5.364   -17.348 1.00 0.00 ? 1  DG  A H1     1 
ATOM   29  H H21    . DG  A 1 1  ? -1.001  3.648   -18.239 1.00 0.00 ? 1  DG  A H21    1 
ATOM   30  H H22    . DG  A 1 1  ? -2.760  3.703   -18.413 1.00 0.00 ? 1  DG  A H22    1 
ATOM   31  H "HO5'" . DG  A 1 1  ? -7.080  10.676  -18.852 1.00 0.00 ? 1  DG  A "HO5'" 1 
ATOM   32  P P      . DC  A 1 2  ? -8.916  5.342   -15.491 1.00 0.00 ? 2  DC  A P      1 
ATOM   33  O OP1    . DC  A 1 2  ? -10.252 4.869   -15.934 1.00 0.00 ? 2  DC  A OP1    1 
ATOM   34  O OP2    . DC  A 1 2  ? -8.758  5.841   -14.103 1.00 0.00 ? 2  DC  A OP2    1 
ATOM   35  O "O5'"  . DC  A 1 2  ? -7.845  4.160   -15.733 1.00 0.00 ? 2  DC  A "O5'"  1 
ATOM   36  C "C5'"  . DC  A 1 2  ? -7.752  3.521   -17.004 1.00 0.00 ? 2  DC  A "C5'"  1 
ATOM   37  C "C4'"  . DC  A 1 2  ? -6.661  2.441   -17.103 1.00 0.00 ? 2  DC  A "C4'"  1 
ATOM   38  O "O4'"  . DC  A 1 2  ? -5.375  3.018   -16.896 1.00 0.00 ? 2  DC  A "O4'"  1 
ATOM   39  C "C3'"  . DC  A 1 2  ? -6.824  1.272   -16.117 1.00 0.00 ? 2  DC  A "C3'"  1 
ATOM   40  O "O3'"  . DC  A 1 2  ? -6.508  0.059   -16.802 1.00 0.00 ? 2  DC  A "O3'"  1 
ATOM   41  C "C2'"  . DC  A 1 2  ? -5.812  1.638   -15.031 1.00 0.00 ? 2  DC  A "C2'"  1 
ATOM   42  C "C1'"  . DC  A 1 2  ? -4.716  2.314   -15.854 1.00 0.00 ? 2  DC  A "C1'"  1 
ATOM   43  N N1     . DC  A 1 2  ? -3.884  3.267   -15.070 1.00 0.00 ? 2  DC  A N1     1 
ATOM   44  C C2     . DC  A 1 2  ? -2.507  3.041   -14.959 1.00 0.00 ? 2  DC  A C2     1 
ATOM   45  O O2     . DC  A 1 2  ? -1.977  2.003   -15.353 1.00 0.00 ? 2  DC  A O2     1 
ATOM   46  N N3     . DC  A 1 2  ? -1.697  3.967   -14.398 1.00 0.00 ? 2  DC  A N3     1 
ATOM   47  C C4     . DC  A 1 2  ? -2.235  5.070   -13.925 1.00 0.00 ? 2  DC  A C4     1 
ATOM   48  N N4     . DC  A 1 2  ? -1.394  5.947   -13.463 1.00 0.00 ? 2  DC  A N4     1 
ATOM   49  C C5     . DC  A 1 2  ? -3.632  5.335   -13.946 1.00 0.00 ? 2  DC  A C5     1 
ATOM   50  C C6     . DC  A 1 2  ? -4.431  4.406   -14.532 1.00 0.00 ? 2  DC  A C6     1 
ATOM   51  H "H5'"  . DC  A 1 2  ? -7.549  4.275   -17.768 1.00 0.00 ? 2  DC  A "H5'"  1 
ATOM   52  H "H5''" . DC  A 1 2  ? -8.711  3.058   -17.243 1.00 0.00 ? 2  DC  A "H5''" 1 
ATOM   53  H "H4'"  . DC  A 1 2  ? -6.700  2.038   -18.118 1.00 0.00 ? 2  DC  A "H4'"  1 
ATOM   54  H "H3'"  . DC  A 1 2  ? -7.840  1.243   -15.716 1.00 0.00 ? 2  DC  A "H3'"  1 
ATOM   55  H "H2'"  . DC  A 1 2  ? -6.269  2.341   -14.334 1.00 0.00 ? 2  DC  A "H2'"  1 
ATOM   56  H "H2''" . DC  A 1 2  ? -5.438  0.767   -14.495 1.00 0.00 ? 2  DC  A "H2''" 1 
ATOM   57  H "H1'"  . DC  A 1 2  ? -4.093  1.528   -16.295 1.00 0.00 ? 2  DC  A "H1'"  1 
ATOM   58  H H41    . DC  A 1 2  ? -0.407  5.720   -13.526 1.00 0.00 ? 2  DC  A H41    1 
ATOM   59  H H42    . DC  A 1 2  ? -1.726  6.817   -13.087 1.00 0.00 ? 2  DC  A H42    1 
ATOM   60  H H5     . DC  A 1 2  ? -4.058  6.239   -13.540 1.00 0.00 ? 2  DC  A H5     1 
ATOM   61  H H6     . DC  A 1 2  ? -5.502  4.560   -14.610 1.00 0.00 ? 2  DC  A H6     1 
ATOM   62  P P      . DT  A 1 3  ? -6.719  -1.405  -16.153 1.00 0.00 ? 3  DT  A P      1 
ATOM   63  O OP1    . DT  A 1 3  ? -6.929  -2.364  -17.267 1.00 0.00 ? 3  DT  A OP1    1 
ATOM   64  O OP2    . DT  A 1 3  ? -7.752  -1.307  -15.091 1.00 0.00 ? 3  DT  A OP2    1 
ATOM   65  O "O5'"  . DT  A 1 3  ? -5.291  -1.740  -15.479 1.00 0.00 ? 3  DT  A "O5'"  1 
ATOM   66  C "C5'"  . DT  A 1 3  ? -5.174  -2.674  -14.411 1.00 0.00 ? 3  DT  A "C5'"  1 
ATOM   67  C "C4'"  . DT  A 1 3  ? -3.770  -2.698  -13.764 1.00 0.00 ? 3  DT  A "C4'"  1 
ATOM   68  O "O4'"  . DT  A 1 3  ? -3.236  -1.373  -13.703 1.00 0.00 ? 3  DT  A "O4'"  1 
ATOM   69  C "C3'"  . DT  A 1 3  ? -3.892  -3.199  -12.300 1.00 0.00 ? 3  DT  A "C3'"  1 
ATOM   70  O "O3'"  . DT  A 1 3  ? -2.758  -3.872  -11.748 1.00 0.00 ? 3  DT  A "O3'"  1 
ATOM   71  C "C2'"  . DT  A 1 3  ? -3.993  -1.862  -11.571 1.00 0.00 ? 3  DT  A "C2'"  1 
ATOM   72  C "C1'"  . DT  A 1 3  ? -2.913  -1.111  -12.355 1.00 0.00 ? 3  DT  A "C1'"  1 
ATOM   73  N N1     . DT  A 1 3  ? -2.772  0.345   -12.074 1.00 0.00 ? 3  DT  A N1     1 
ATOM   74  C C2     . DT  A 1 3  ? -1.466  0.852   -11.980 1.00 0.00 ? 3  DT  A C2     1 
ATOM   75  O O2     . DT  A 1 3  ? -0.448  0.204   -12.223 1.00 0.00 ? 3  DT  A O2     1 
ATOM   76  N N3     . DT  A 1 3  ? -1.333  2.151   -11.557 1.00 0.00 ? 3  DT  A N3     1 
ATOM   77  C C4     . DT  A 1 3  ? -2.359  2.993   -11.208 1.00 0.00 ? 3  DT  A C4     1 
ATOM   78  O O4     . DT  A 1 3  ? -2.081  4.120   -10.803 1.00 0.00 ? 3  DT  A O4     1 
ATOM   79  C C5     . DT  A 1 3  ? -3.699  2.429   -11.372 1.00 0.00 ? 3  DT  A C5     1 
ATOM   80  C C7     . DT  A 1 3  ? -4.921  3.269   -11.046 1.00 0.00 ? 3  DT  A C7     1 
ATOM   81  C C6     . DT  A 1 3  ? -3.864  1.147   -11.797 1.00 0.00 ? 3  DT  A C6     1 
ATOM   82  H "H5'"  . DT  A 1 3  ? -5.405  -3.675  -14.779 1.00 0.00 ? 3  DT  A "H5'"  1 
ATOM   83  H "H5''" . DT  A 1 3  ? -5.909  -2.423  -13.646 1.00 0.00 ? 3  DT  A "H5''" 1 
ATOM   84  H "H4'"  . DT  A 1 3  ? -3.113  -3.347  -14.344 1.00 0.00 ? 3  DT  A "H4'"  1 
ATOM   85  H "H3'"  . DT  A 1 3  ? -4.793  -3.800  -12.156 1.00 0.00 ? 3  DT  A "H3'"  1 
ATOM   86  H "H2'"  . DT  A 1 3  ? -4.981  -1.428  -11.721 1.00 0.00 ? 3  DT  A "H2'"  1 
ATOM   87  H "H2''" . DT  A 1 3  ? -3.764  -1.946  -10.509 1.00 0.00 ? 3  DT  A "H2''" 1 
ATOM   88  H "H1'"  . DT  A 1 3  ? -1.956  -1.596  -12.138 1.00 0.00 ? 3  DT  A "H1'"  1 
ATOM   89  H H3     . DT  A 1 3  ? -0.391  2.504   -11.466 1.00 0.00 ? 3  DT  A H3     1 
ATOM   90  H H71    . DT  A 1 3  ? -4.907  4.179   -11.645 1.00 0.00 ? 3  DT  A H71    1 
ATOM   91  H H72    . DT  A 1 3  ? -5.843  2.721   -11.243 1.00 0.00 ? 3  DT  A H72    1 
ATOM   92  H H73    . DT  A 1 3  ? -4.889  3.555   -9.993  1.00 0.00 ? 3  DT  A H73    1 
ATOM   93  H H6     . DT  A 1 3  ? -4.862  0.748   -11.908 1.00 0.00 ? 3  DT  A H6     1 
ATOM   94  P P      . DA  A 1 4  ? -2.143  -5.231  -12.353 1.00 0.00 ? 4  DA  A P      1 
ATOM   95  O OP1    . DA  A 1 4  ? -3.120  -5.823  -13.299 1.00 0.00 ? 4  DA  A OP1    1 
ATOM   96  O OP2    . DA  A 1 4  ? -1.657  -6.049  -11.216 1.00 0.00 ? 4  DA  A OP2    1 
ATOM   97  O "O5'"  . DA  A 1 4  ? -0.889  -4.671  -13.207 1.00 0.00 ? 4  DA  A "O5'"  1 
ATOM   98  C "C5'"  . DA  A 1 4  ? 0.455   -5.141  -13.065 1.00 0.00 ? 4  DA  A "C5'"  1 
ATOM   99  C "C4'"  . DA  A 1 4  ? 1.316   -4.505  -11.946 1.00 0.00 ? 4  DA  A "C4'"  1 
ATOM   100 O "O4'"  . DA  A 1 4  ? 0.895   -3.191  -11.590 1.00 0.00 ? 4  DA  A "O4'"  1 
ATOM   101 C "C3'"  . DA  A 1 4  ? 1.466   -5.327  -10.647 1.00 0.00 ? 4  DA  A "C3'"  1 
ATOM   102 O "O3'"  . DA  A 1 4  ? 2.840   -5.681  -10.497 1.00 0.00 ? 4  DA  A "O3'"  1 
ATOM   103 C "C2'"  . DA  A 1 4  ? 0.969   -4.349  -9.579  1.00 0.00 ? 4  DA  A "C2'"  1 
ATOM   104 C "C1'"  . DA  A 1 4  ? 1.221   -2.991  -10.225 1.00 0.00 ? 4  DA  A "C1'"  1 
ATOM   105 N N9     . DA  A 1 4  ? 0.365   -1.928  -9.654  1.00 0.00 ? 4  DA  A N9     1 
ATOM   106 C C8     . DA  A 1 4  ? -1.005  -1.911  -9.543  1.00 0.00 ? 4  DA  A C8     1 
ATOM   107 N N7     . DA  A 1 4  ? -1.498  -0.803  -9.049  1.00 0.00 ? 4  DA  A N7     1 
ATOM   108 C C5     . DA  A 1 4  ? -0.344  -0.048  -8.782  1.00 0.00 ? 4  DA  A C5     1 
ATOM   109 C C6     . DA  A 1 4  ? -0.097  1.243   -8.254  1.00 0.00 ? 4  DA  A C6     1 
ATOM   110 N N6     . DA  A 1 4  ? -1.036  2.104   -7.908  1.00 0.00 ? 4  DA  A N6     1 
ATOM   111 N N1     . DA  A 1 4  ? 1.147   1.693   -8.080  1.00 0.00 ? 4  DA  A N1     1 
ATOM   112 C C2     . DA  A 1 4  ? 2.152   0.905   -8.443  1.00 0.00 ? 4  DA  A C2     1 
ATOM   113 N N3     . DA  A 1 4  ? 2.083   -0.305  -8.985  1.00 0.00 ? 4  DA  A N3     1 
ATOM   114 C C4     . DA  A 1 4  ? 0.793   -0.730  -9.126  1.00 0.00 ? 4  DA  A C4     1 
ATOM   115 H "H5'"  . DA  A 1 4  ? 0.963   -4.921  -14.004 1.00 0.00 ? 4  DA  A "H5'"  1 
ATOM   116 H "H5''" . DA  A 1 4  ? 0.460   -6.226  -12.954 1.00 0.00 ? 4  DA  A "H5''" 1 
ATOM   117 H "H4'"  . DA  A 1 4  ? 2.321   -4.412  -12.362 1.00 0.00 ? 4  DA  A "H4'"  1 
ATOM   118 H "H3'"  . DA  A 1 4  ? 0.841   -6.221  -10.666 1.00 0.00 ? 4  DA  A "H3'"  1 
ATOM   119 H "H2'"  . DA  A 1 4  ? -0.097  -4.509  -9.428  1.00 0.00 ? 4  DA  A "H2'"  1 
ATOM   120 H "H2''" . DA  A 1 4  ? 1.495   -4.444  -8.630  1.00 0.00 ? 4  DA  A "H2''" 1 
ATOM   121 H "H1'"  . DA  A 1 4  ? 2.278   -2.726  -10.117 1.00 0.00 ? 4  DA  A "H1'"  1 
ATOM   122 H H8     . DA  A 1 4  ? -1.616  -2.745  -9.867  1.00 0.00 ? 4  DA  A H8     1 
ATOM   123 H H61    . DA  A 1 4  ? -0.770  3.027   -7.584  1.00 0.00 ? 4  DA  A H61    1 
ATOM   124 H H62    . DA  A 1 4  ? -2.003  1.835   -7.993  1.00 0.00 ? 4  DA  A H62    1 
ATOM   125 H H2     . DA  A 1 4  ? 3.148   1.302   -8.288  1.00 0.00 ? 4  DA  A H2     1 
ATOM   126 P P      . DG  A 1 5  ? 3.426   -6.505  -9.232  1.00 0.00 ? 5  DG  A P      1 
ATOM   127 O OP1    . DG  A 1 5  ? 4.519   -7.380  -9.725  1.00 0.00 ? 5  DG  A OP1    1 
ATOM   128 O OP2    . DG  A 1 5  ? 2.305   -7.120  -8.479  1.00 0.00 ? 5  DG  A OP2    1 
ATOM   129 O "O5'"  . DG  A 1 5  ? 4.077   -5.342  -8.320  1.00 0.00 ? 5  DG  A "O5'"  1 
ATOM   130 C "C5'"  . DG  A 1 5  ? 5.174   -4.571  -8.803  1.00 0.00 ? 5  DG  A "C5'"  1 
ATOM   131 C "C4'"  . DG  A 1 5  ? 5.669   -3.509  -7.810  1.00 0.00 ? 5  DG  A "C4'"  1 
ATOM   132 O "O4'"  . DG  A 1 5  ? 4.676   -2.508  -7.615  1.00 0.00 ? 5  DG  A "O4'"  1 
ATOM   133 C "C3'"  . DG  A 1 5  ? 6.065   -4.077  -6.436  1.00 0.00 ? 5  DG  A "C3'"  1 
ATOM   134 O "O3'"  . DG  A 1 5  ? 7.375   -3.616  -6.112  1.00 0.00 ? 5  DG  A "O3'"  1 
ATOM   135 C "C2'"  . DG  A 1 5  ? 4.974   -3.509  -5.528  1.00 0.00 ? 5  DG  A "C2'"  1 
ATOM   136 C "C1'"  . DG  A 1 5  ? 4.618   -2.203  -6.234  1.00 0.00 ? 5  DG  A "C1'"  1 
ATOM   137 N N9     . DG  A 1 5  ? 3.268   -1.695  -5.897  1.00 0.00 ? 5  DG  A N9     1 
ATOM   138 C C8     . DG  A 1 5  ? 2.054   -2.319  -6.054  1.00 0.00 ? 5  DG  A C8     1 
ATOM   139 N N7     . DG  A 1 5  ? 1.021   -1.578  -5.741  1.00 0.00 ? 5  DG  A N7     1 
ATOM   140 C C5     . DG  A 1 5  ? 1.600   -0.369  -5.322  1.00 0.00 ? 5  DG  A C5     1 
ATOM   141 C C6     . DG  A 1 5  ? 1.018   0.867   -4.859  1.00 0.00 ? 5  DG  A C6     1 
ATOM   142 O O6     . DG  A 1 5  ? -0.167  1.174   -4.732  1.00 0.00 ? 5  DG  A O6     1 
ATOM   143 N N1     . DG  A 1 5  ? 1.953   1.827   -4.525  1.00 0.00 ? 5  DG  A N1     1 
ATOM   144 C C2     . DG  A 1 5  ? 3.291   1.645   -4.629  1.00 0.00 ? 5  DG  A C2     1 
ATOM   145 N N2     . DG  A 1 5  ? 4.058   2.625   -4.238  1.00 0.00 ? 5  DG  A N2     1 
ATOM   146 N N3     . DG  A 1 5  ? 3.875   0.535   -5.073  1.00 0.00 ? 5  DG  A N3     1 
ATOM   147 C C4     . DG  A 1 5  ? 2.977   -0.443  -5.403  1.00 0.00 ? 5  DG  A C4     1 
ATOM   148 H "H5'"  . DG  A 1 5  ? 4.883   -4.068  -9.728  1.00 0.00 ? 5  DG  A "H5'"  1 
ATOM   149 H "H5''" . DG  A 1 5  ? 6.008   -5.236  -9.031  1.00 0.00 ? 5  DG  A "H5''" 1 
ATOM   150 H "H4'"  . DG  A 1 5  ? 6.550   -3.034  -8.249  1.00 0.00 ? 5  DG  A "H4'"  1 
ATOM   151 H "H3'"  . DG  A 1 5  ? 6.032   -5.169  -6.444  1.00 0.00 ? 5  DG  A "H3'"  1 
ATOM   152 H "H2'"  . DG  A 1 5  ? 4.120   -4.187  -5.526  1.00 0.00 ? 5  DG  A "H2'"  1 
ATOM   153 H "H2''" . DG  A 1 5  ? 5.325   -3.337  -4.512  1.00 0.00 ? 5  DG  A "H2''" 1 
ATOM   154 H "H1'"  . DG  A 1 5  ? 5.371   -1.449  -5.985  1.00 0.00 ? 5  DG  A "H1'"  1 
ATOM   155 H H8     . DG  A 1 5  ? 1.972   -3.332  -6.432  1.00 0.00 ? 5  DG  A H8     1 
ATOM   156 H H1     . DG  A 1 5  ? 1.606   2.708   -4.177  1.00 0.00 ? 5  DG  A H1     1 
ATOM   157 H H21    . DG  A 1 5  ? 3.653   3.475   -3.856  1.00 0.00 ? 5  DG  A H21    1 
ATOM   158 H H22    . DG  A 1 5  ? 5.052   2.489   -4.289  1.00 0.00 ? 5  DG  A H22    1 
ATOM   159 P P      . DC  A 1 6  ? 8.204   -4.138  -4.826  1.00 0.00 ? 6  DC  A P      1 
ATOM   160 O OP1    . DC  A 1 6  ? 9.649   -4.059  -5.156  1.00 0.00 ? 6  DC  A OP1    1 
ATOM   161 O OP2    . DC  A 1 6  ? 7.643   -5.439  -4.384  1.00 0.00 ? 6  DC  A OP2    1 
ATOM   162 O "O5'"  . DC  A 1 6  ? 7.879   -3.041  -3.696  1.00 0.00 ? 6  DC  A "O5'"  1 
ATOM   163 C "C5'"  . DC  A 1 6  ? 8.361   -1.705  -3.802  1.00 0.00 ? 6  DC  A "C5'"  1 
ATOM   164 C "C4'"  . DC  A 1 6  ? 7.773   -0.780  -2.726  1.00 0.00 ? 6  DC  A "C4'"  1 
ATOM   165 O "O4'"  . DC  A 1 6  ? 6.369   -0.662  -2.924  1.00 0.00 ? 6  DC  A "O4'"  1 
ATOM   166 C "C3'"  . DC  A 1 6  ? 8.005   -1.290  -1.285  1.00 0.00 ? 6  DC  A "C3'"  1 
ATOM   167 O "O3'"  . DC  A 1 6  ? 8.296   -0.240  -0.372  1.00 0.00 ? 6  DC  A "O3'"  1 
ATOM   168 C "C2'"  . DC  A 1 6  ? 6.627   -1.841  -0.933  1.00 0.00 ? 6  DC  A "C2'"  1 
ATOM   169 C "C1'"  . DC  A 1 6  ? 5.750   -0.821  -1.664  1.00 0.00 ? 6  DC  A "C1'"  1 
ATOM   170 N N1     . DC  A 1 6  ? 4.310   -1.168  -1.828  1.00 0.00 ? 6  DC  A N1     1 
ATOM   171 C C2     . DC  A 1 6  ? 3.367   -0.143  -1.683  1.00 0.00 ? 6  DC  A C2     1 
ATOM   172 O O2     . DC  A 1 6  ? 3.689   1.011   -1.400  1.00 0.00 ? 6  DC  A O2     1 
ATOM   173 N N3     . DC  A 1 6  ? 2.044   -0.378  -1.850  1.00 0.00 ? 6  DC  A N3     1 
ATOM   174 C C4     . DC  A 1 6  ? 1.661   -1.602  -2.136  1.00 0.00 ? 6  DC  A C4     1 
ATOM   175 N N4     . DC  A 1 6  ? 0.379   -1.763  -2.293  1.00 0.00 ? 6  DC  A N4     1 
ATOM   176 C C5     . DC  A 1 6  ? 2.562   -2.689  -2.307  1.00 0.00 ? 6  DC  A C5     1 
ATOM   177 C C6     . DC  A 1 6  ? 3.885   -2.438  -2.141  1.00 0.00 ? 6  DC  A C6     1 
ATOM   178 H "H5'"  . DC  A 1 6  ? 8.102   -1.299  -4.781  1.00 0.00 ? 6  DC  A "H5'"  1 
ATOM   179 H "H5''" . DC  A 1 6  ? 9.449   -1.701  -3.709  1.00 0.00 ? 6  DC  A "H5''" 1 
ATOM   180 H "H4'"  . DC  A 1 6  ? 8.224   0.206   -2.839  1.00 0.00 ? 6  DC  A "H4'"  1 
ATOM   181 H "H3'"  . DC  A 1 6  ? 8.766   -2.073  -1.242  1.00 0.00 ? 6  DC  A "H3'"  1 
ATOM   182 H "H2'"  . DC  A 1 6  ? 6.522   -2.841  -1.349  1.00 0.00 ? 6  DC  A "H2'"  1 
ATOM   183 H "H2''" . DC  A 1 6  ? 6.445   -1.849  0.142   1.00 0.00 ? 6  DC  A "H2''" 1 
ATOM   184 H "H1'"  . DC  A 1 6  ? 5.831   0.125   -1.116  1.00 0.00 ? 6  DC  A "H1'"  1 
ATOM   185 H H41    . DC  A 1 6  ? -0.218  -0.952  -2.175  1.00 0.00 ? 6  DC  A H41    1 
ATOM   186 H H42    . DC  A 1 6  ? 0.020   -2.661  -2.563  1.00 0.00 ? 6  DC  A H42    1 
ATOM   187 H H5     . DC  A 1 6  ? 2.228   -3.684  -2.559  1.00 0.00 ? 6  DC  A H5     1 
ATOM   188 H H6     . DC  A 1 6  ? 4.611   -3.232  -2.270  1.00 0.00 ? 6  DC  A H6     1 
HETATM 189 O OP1    . KAG A 1 7  ? 10.281  0.760   -1.583  1.00 0.00 ? 7  KAG A OP1    1 
HETATM 190 P P      . KAG A 1 7  ? 9.761   0.418   -0.236  1.00 0.00 ? 7  KAG A P      1 
HETATM 191 O OP2    . KAG A 1 7  ? 10.582  -0.425  0.667   1.00 0.00 ? 7  KAG A OP2    1 
HETATM 192 O "O5'"  . KAG A 1 7  ? 9.383   1.790   0.513   1.00 0.00 ? 7  KAG A "O5'"  1 
HETATM 193 C "C5'"  . KAG A 1 7  ? 8.967   1.789   1.872   1.00 0.00 ? 7  KAG A "C5'"  1 
HETATM 194 C "C4'"  . KAG A 1 7  ? 8.071   3.001   2.173   1.00 0.00 ? 7  KAG A "C4'"  1 
HETATM 195 O "O4'"  . KAG A 1 7  ? 6.771   2.799   1.613   1.00 0.00 ? 7  KAG A "O4'"  1 
HETATM 196 C "C3'"  . KAG A 1 7  ? 7.889   3.172   3.688   1.00 0.00 ? 7  KAG A "C3'"  1 
HETATM 197 O "O3'"  . KAG A 1 7  ? 7.793   4.559   3.992   1.00 0.00 ? 7  KAG A "O3'"  1 
HETATM 198 C "C2'"  . KAG A 1 7  ? 6.595   2.397   3.934   1.00 0.00 ? 7  KAG A "C2'"  1 
HETATM 199 C "C1'"  . KAG A 1 7  ? 5.808   2.665   2.652   1.00 0.00 ? 7  KAG A "C1'"  1 
HETATM 200 N N9     . KAG A 1 7  ? 4.844   1.584   2.324   1.00 0.00 ? 7  KAG A N9     1 
HETATM 201 C C4     . KAG A 1 7  ? 3.471   1.663   2.414   1.00 0.00 ? 7  KAG A C4     1 
HETATM 202 N N3     . KAG A 1 7  ? 2.744   2.716   2.891   1.00 0.00 ? 7  KAG A N3     1 
HETATM 203 C C8     . KAG A 1 7  ? 5.103   0.326   1.837   1.00 0.00 ? 7  KAG A C8     1 
HETATM 204 N N7     . KAG A 1 7  ? 4.034   -0.380  1.565   1.00 0.00 ? 7  KAG A N7     1 
HETATM 205 C C5     . KAG A 1 7  ? 2.978   0.476   1.914   1.00 0.00 ? 7  KAG A C5     1 
HETATM 206 C C6     . KAG A 1 7  ? 1.545   0.319   1.841   1.00 0.00 ? 7  KAG A C6     1 
HETATM 207 O O6     . KAG A 1 7  ? 0.881   -0.626  1.412   1.00 0.00 ? 7  KAG A O6     1 
HETATM 208 N N1     . KAG A 1 7  ? 0.843   1.399   2.335   1.00 0.00 ? 7  KAG A N1     1 
HETATM 209 C C2     . KAG A 1 7  ? 1.419   2.523   2.838   1.00 0.00 ? 7  KAG A C2     1 
HETATM 210 N N2     . KAG A 1 7  ? 0.580   3.418   3.330   1.00 0.00 ? 7  KAG A N2     1 
HETATM 211 C C1A    . KAG A 1 7  ? 0.958   4.577   4.130   1.00 0.00 ? 7  KAG A C1A    1 
HETATM 212 C C1M    . KAG A 1 7  ? 1.227   5.769   3.216   1.00 0.00 ? 7  KAG A C1M    1 
HETATM 213 C C2B    . KAG A 1 7  ? -0.141  4.869   5.154   1.00 0.00 ? 7  KAG A C2B    1 
HETATM 214 C C3G    . KAG A 1 7  ? 0.240   6.019   6.069   1.00 0.00 ? 7  KAG A C3G    1 
HETATM 215 O O2G    . KAG A 1 7  ? -0.465  7.029   6.133   1.00 0.00 ? 7  KAG A O2G    1 
HETATM 216 H "H5'"  . KAG A 1 7  ? 9.853   1.820   2.508   1.00 0.00 ? 7  KAG A "H5'"  1 
HETATM 217 H "H5''" . KAG A 1 7  ? 8.410   0.879   2.098   1.00 0.00 ? 7  KAG A "H5''" 1 
HETATM 218 H "H4'"  . KAG A 1 7  ? 8.533   3.897   1.756   1.00 0.00 ? 7  KAG A "H4'"  1 
HETATM 219 H "H3'"  . KAG A 1 7  ? 8.723   2.717   4.227   1.00 0.00 ? 7  KAG A "H3'"  1 
HETATM 220 H "H2''" . KAG A 1 7  ? 6.059   2.748   4.813   1.00 0.00 ? 7  KAG A "H2''" 1 
HETATM 221 H "H2'"  . KAG A 1 7  ? 6.819   1.333   4.026   1.00 0.00 ? 7  KAG A "H2'"  1 
HETATM 222 H "H1'"  . KAG A 1 7  ? 5.268   3.610   2.768   1.00 0.00 ? 7  KAG A "H1'"  1 
HETATM 223 H H8     . KAG A 1 7  ? 6.115   -0.028  1.672   1.00 0.00 ? 7  KAG A H8     1 
HETATM 224 H H1     . KAG A 1 7  ? -0.162  1.316   2.368   1.00 0.00 ? 7  KAG A H1     1 
HETATM 225 H H2     . KAG A 1 7  ? -0.410  3.202   3.301   1.00 0.00 ? 7  KAG A H2     1 
HETATM 226 H H1A    . KAG A 1 7  ? 1.872   4.348   4.678   1.00 0.00 ? 7  KAG A H1A    1 
HETATM 227 H H1M    . KAG A 1 7  ? 1.911   5.476   2.420   1.00 0.00 ? 7  KAG A H1M    1 
HETATM 228 H H2M    . KAG A 1 7  ? 0.299   6.120   2.775   1.00 0.00 ? 7  KAG A H2M    1 
HETATM 229 H H3M    . KAG A 1 7  ? 1.682   6.582   3.780   1.00 0.00 ? 7  KAG A H3M    1 
HETATM 230 H H2B    . KAG A 1 7  ? -0.293  3.986   5.773   1.00 0.00 ? 7  KAG A H2B    1 
HETATM 231 H H1B    . KAG A 1 7  ? -1.076  5.096   4.643   1.00 0.00 ? 7  KAG A H1B    1 
HETATM 232 H H3G    . KAG A 1 7  ? 1.144   5.952   6.655   1.00 0.00 ? 7  KAG A H3G    1 
ATOM   233 P P      . DA  A 1 8  ? 8.066   5.135   5.472   1.00 0.00 ? 8  DA  A P      1 
ATOM   234 O OP1    . DA  A 1 8  ? 8.247   6.605   5.363   1.00 0.00 ? 8  DA  A OP1    1 
ATOM   235 O OP2    . DA  A 1 8  ? 9.138   4.331   6.109   1.00 0.00 ? 8  DA  A OP2    1 
ATOM   236 O "O5'"  . DA  A 1 8  ? 6.691   4.841   6.248   1.00 0.00 ? 8  DA  A "O5'"  1 
ATOM   237 C "C5'"  . DA  A 1 8  ? 5.520   5.611   5.999   1.00 0.00 ? 8  DA  A "C5'"  1 
ATOM   238 C "C4'"  . DA  A 1 8  ? 4.288   5.052   6.723   1.00 0.00 ? 8  DA  A "C4'"  1 
ATOM   239 O "O4'"  . DA  A 1 8  ? 3.796   3.910   6.028   1.00 0.00 ? 8  DA  A "O4'"  1 
ATOM   240 C "C3'"  . DA  A 1 8  ? 4.567   4.618   8.177   1.00 0.00 ? 8  DA  A "C3'"  1 
ATOM   241 O "O3'"  . DA  A 1 8  ? 3.542   5.050   9.062   1.00 0.00 ? 8  DA  A "O3'"  1 
ATOM   242 C "C2'"  . DA  A 1 8  ? 4.537   3.099   8.054   1.00 0.00 ? 8  DA  A "C2'"  1 
ATOM   243 C "C1'"  . DA  A 1 8  ? 3.451   2.935   6.992   1.00 0.00 ? 8  DA  A "C1'"  1 
ATOM   244 N N9     . DA  A 1 8  ? 3.368   1.589   6.378   1.00 0.00 ? 8  DA  A N9     1 
ATOM   245 C C8     . DA  A 1 8  ? 4.369   0.677   6.134   1.00 0.00 ? 8  DA  A C8     1 
ATOM   246 N N7     . DA  A 1 8  ? 3.967   -0.432  5.567   1.00 0.00 ? 8  DA  A N7     1 
ATOM   247 C C5     . DA  A 1 8  ? 2.579   -0.242  5.463   1.00 0.00 ? 8  DA  A C5     1 
ATOM   248 C C6     . DA  A 1 8  ? 1.496   -1.014  4.972   1.00 0.00 ? 8  DA  A C6     1 
ATOM   249 N N6     . DA  A 1 8  ? 1.614   -2.206  4.422   1.00 0.00 ? 8  DA  A N6     1 
ATOM   250 N N1     . DA  A 1 8  ? 0.242   -0.557  5.009   1.00 0.00 ? 8  DA  A N1     1 
ATOM   251 C C2     . DA  A 1 8  ? 0.035   0.649   5.522   1.00 0.00 ? 8  DA  A C2     1 
ATOM   252 N N3     . DA  A 1 8  ? 0.938   1.482   6.027   1.00 0.00 ? 8  DA  A N3     1 
ATOM   253 C C4     . DA  A 1 8  ? 2.206   0.978   5.961   1.00 0.00 ? 8  DA  A C4     1 
ATOM   254 H "H5'"  . DA  A 1 8  ? 5.314   5.634   4.927   1.00 0.00 ? 8  DA  A "H5'"  1 
ATOM   255 H "H5''" . DA  A 1 8  ? 5.686   6.634   6.339   1.00 0.00 ? 8  DA  A "H5''" 1 
ATOM   256 H "H4'"  . DA  A 1 8  ? 3.516   5.821   6.723   1.00 0.00 ? 8  DA  A "H4'"  1 
ATOM   257 H "H3'"  . DA  A 1 8  ? 5.546   4.955   8.525   1.00 0.00 ? 8  DA  A "H3'"  1 
ATOM   258 H "H2'"  . DA  A 1 8  ? 5.499   2.747   7.683   1.00 0.00 ? 8  DA  A "H2'"  1 
ATOM   259 H "H2''" . DA  A 1 8  ? 4.287   2.610   8.995   1.00 0.00 ? 8  DA  A "H2''" 1 
ATOM   260 H "H1'"  . DA  A 1 8  ? 2.482   3.186   7.435   1.00 0.00 ? 8  DA  A "H1'"  1 
ATOM   261 H H8     . DA  A 1 8  ? 5.408   0.873   6.375   1.00 0.00 ? 8  DA  A H8     1 
ATOM   262 H H61    . DA  A 1 8  ? 0.778   -2.676  4.093   1.00 0.00 ? 8  DA  A H61    1 
ATOM   263 H H62    . DA  A 1 8  ? 2.527   -2.621  4.330   1.00 0.00 ? 8  DA  A H62    1 
ATOM   264 H H2     . DA  A 1 8  ? -0.992  0.991   5.539   1.00 0.00 ? 8  DA  A H2     1 
ATOM   265 P P      . DG  A 1 9  ? 3.590   6.513   9.730   1.00 0.00 ? 9  DG  A P      1 
ATOM   266 O OP1    . DG  A 1 9  ? 3.744   7.529   8.659   1.00 0.00 ? 9  DG  A OP1    1 
ATOM   267 O OP2    . DG  A 1 9  ? 4.583   6.475   10.830  1.00 0.00 ? 9  DG  A OP2    1 
ATOM   268 O "O5'"  . DG  A 1 9  ? 2.126   6.667   10.390  1.00 0.00 ? 9  DG  A "O5'"  1 
ATOM   269 C "C5'"  . DG  A 1 9  ? 0.986   7.053   9.628   1.00 0.00 ? 9  DG  A "C5'"  1 
ATOM   270 C "C4'"  . DG  A 1 9  ? -0.207  6.103   9.816   1.00 0.00 ? 9  DG  A "C4'"  1 
ATOM   271 O "O4'"  . DG  A 1 9  ? 0.032   4.857   9.164   1.00 0.00 ? 9  DG  A "O4'"  1 
ATOM   272 C "C3'"  . DG  A 1 9  ? -0.539  5.820   11.294  1.00 0.00 ? 9  DG  A "C3'"  1 
ATOM   273 O "O3'"  . DG  A 1 9  ? -1.918  6.099   11.516  1.00 0.00 ? 9  DG  A "O3'"  1 
ATOM   274 C "C2'"  . DG  A 1 9  ? -0.178  4.340   11.422  1.00 0.00 ? 9  DG  A "C2'"  1 
ATOM   275 C "C1'"  . DG  A 1 9  ? -0.439  3.823   10.011  1.00 0.00 ? 9  DG  A "C1'"  1 
ATOM   276 N N9     . DG  A 1 9  ? 0.270   2.553   9.722   1.00 0.00 ? 9  DG  A N9     1 
ATOM   277 C C8     . DG  A 1 9  ? 1.607   2.272   9.861   1.00 0.00 ? 9  DG  A C8     1 
ATOM   278 N N7     . DG  A 1 9  ? 1.946   1.063   9.491   1.00 0.00 ? 9  DG  A N7     1 
ATOM   279 C C5     . DG  A 1 9  ? 0.730   0.490   9.090   1.00 0.00 ? 9  DG  A C5     1 
ATOM   280 C C6     . DG  A 1 9  ? 0.413   -0.812  8.557   1.00 0.00 ? 9  DG  A C6     1 
ATOM   281 O O6     . DG  A 1 9  ? 1.164   -1.744  8.270   1.00 0.00 ? 9  DG  A O6     1 
ATOM   282 N N1     . DG  A 1 9  ? -0.936  -1.003  8.337   1.00 0.00 ? 9  DG  A N1     1 
ATOM   283 C C2     . DG  A 1 9  ? -1.875  -0.049  8.542   1.00 0.00 ? 9  DG  A C2     1 
ATOM   284 N N2     . DG  A 1 9  ? -3.115  -0.380  8.326   1.00 0.00 ? 9  DG  A N2     1 
ATOM   285 N N3     . DG  A 1 9  ? -1.627  1.180   8.984   1.00 0.00 ? 9  DG  A N3     1 
ATOM   286 C C4     . DG  A 1 9  ? -0.302  1.392   9.250   1.00 0.00 ? 9  DG  A C4     1 
ATOM   287 H "H5'"  . DG  A 1 9  ? 1.227   7.094   8.566   1.00 0.00 ? 9  DG  A "H5'"  1 
ATOM   288 H "H5''" . DG  A 1 9  ? 0.683   8.055   9.936   1.00 0.00 ? 9  DG  A "H5''" 1 
ATOM   289 H "H4'"  . DG  A 1 9  ? -1.078  6.568   9.351   1.00 0.00 ? 9  DG  A "H4'"  1 
ATOM   290 H "H3'"  . DG  A 1 9  ? 0.081   6.425   11.959  1.00 0.00 ? 9  DG  A "H3'"  1 
ATOM   291 H "H2'"  . DG  A 1 9  ? 0.881   4.255   11.671  1.00 0.00 ? 9  DG  A "H2'"  1 
ATOM   292 H "H2''" . DG  A 1 9  ? -0.781  3.818   12.162  1.00 0.00 ? 9  DG  A "H2''" 1 
ATOM   293 H "H1'"  . DG  A 1 9  ? -1.515  3.685   9.874   1.00 0.00 ? 9  DG  A "H1'"  1 
ATOM   294 H H8     . DG  A 1 9  ? 2.314   3.009   10.226  1.00 0.00 ? 9  DG  A H8     1 
ATOM   295 H H1     . DG  A 1 9  ? -1.225  -1.903  7.984   1.00 0.00 ? 9  DG  A H1     1 
ATOM   296 H H21    . DG  A 1 9  ? -3.353  -1.329  8.048   1.00 0.00 ? 9  DG  A H21    1 
ATOM   297 H H22    . DG  A 1 9  ? -3.823  0.310   8.496   1.00 0.00 ? 9  DG  A H22    1 
ATOM   298 P P      . DT  A 1 10 ? -2.631  5.945   12.955  1.00 0.00 ? 10 DT  A P      1 
ATOM   299 O OP1    . DT  A 1 10 ? -3.703  6.966   13.048  1.00 0.00 ? 10 DT  A OP1    1 
ATOM   300 O OP2    . DT  A 1 10 ? -1.593  5.900   14.016  1.00 0.00 ? 10 DT  A OP2    1 
ATOM   301 O "O5'"  . DT  A 1 10 ? -3.315  4.491   12.853  1.00 0.00 ? 10 DT  A "O5'"  1 
ATOM   302 C "C5'"  . DT  A 1 10 ? -4.345  4.231   11.903  1.00 0.00 ? 10 DT  A "C5'"  1 
ATOM   303 C "C4'"  . DT  A 1 10 ? -4.813  2.766   11.902  1.00 0.00 ? 10 DT  A "C4'"  1 
ATOM   304 O "O4'"  . DT  A 1 10 ? -3.746  1.918   11.483  1.00 0.00 ? 10 DT  A "O4'"  1 
ATOM   305 C "C3'"  . DT  A 1 10 ? -5.280  2.278   13.290  1.00 0.00 ? 10 DT  A "C3'"  1 
ATOM   306 O "O3'"  . DT  A 1 10 ? -6.368  1.362   13.222  1.00 0.00 ? 10 DT  A "O3'"  1 
ATOM   307 C "C2'"  . DT  A 1 10 ? -4.059  1.488   13.745  1.00 0.00 ? 10 DT  A "C2'"  1 
ATOM   308 C "C1'"  . DT  A 1 10 ? -3.663  0.850   12.411  1.00 0.00 ? 10 DT  A "C1'"  1 
ATOM   309 N N1     . DT  A 1 10 ? -2.318  0.213   12.361  1.00 0.00 ? 10 DT  A N1     1 
ATOM   310 C C2     . DT  A 1 10 ? -2.217  -1.054  11.767  1.00 0.00 ? 10 DT  A C2     1 
ATOM   311 O O2     . DT  A 1 10 ? -3.177  -1.703  11.354  1.00 0.00 ? 10 DT  A O2     1 
ATOM   312 N N3     . DT  A 1 10 ? -0.957  -1.596  11.668  1.00 0.00 ? 10 DT  A N3     1 
ATOM   313 C C4     . DT  A 1 10 ? 0.203   -1.023  12.131  1.00 0.00 ? 10 DT  A C4     1 
ATOM   314 O O4     . DT  A 1 10 ? 1.260   -1.630  11.971  1.00 0.00 ? 10 DT  A O4     1 
ATOM   315 C C5     . DT  A 1 10 ? 0.032   0.283   12.769  1.00 0.00 ? 10 DT  A C5     1 
ATOM   316 C C7     . DT  A 1 10 ? 1.233   1.015   13.342  1.00 0.00 ? 10 DT  A C7     1 
ATOM   317 C C6     . DT  A 1 10 ? -1.199  0.851   12.861  1.00 0.00 ? 10 DT  A C6     1 
ATOM   318 H "H5'"  . DT  A 1 10 ? -3.988  4.478   10.902  1.00 0.00 ? 10 DT  A "H5'"  1 
ATOM   319 H "H5''" . DT  A 1 10 ? -5.204  4.866   12.122  1.00 0.00 ? 10 DT  A "H5''" 1 
ATOM   320 H "H4'"  . DT  A 1 10 ? -5.629  2.672   11.187  1.00 0.00 ? 10 DT  A "H4'"  1 
ATOM   321 H "H3'"  . DT  A 1 10 ? -5.496  3.106   13.970  1.00 0.00 ? 10 DT  A "H3'"  1 
ATOM   322 H "H2'"  . DT  A 1 10 ? -3.296  2.171   14.114  1.00 0.00 ? 10 DT  A "H2'"  1 
ATOM   323 H "H2''" . DT  A 1 10 ? -4.310  0.752   14.506  1.00 0.00 ? 10 DT  A "H2''" 1 
ATOM   324 H "H1'"  . DT  A 1 10 ? -4.430  0.108   12.163  1.00 0.00 ? 10 DT  A "H1'"  1 
ATOM   325 H H3     . DT  A 1 10 ? -0.887  -2.520  11.268  1.00 0.00 ? 10 DT  A H3     1 
ATOM   326 H H71    . DT  A 1 10 ? 1.733   0.374   14.068  1.00 0.00 ? 10 DT  A H71    1 
ATOM   327 H H72    . DT  A 1 10 ? 1.938   1.239   12.542  1.00 0.00 ? 10 DT  A H72    1 
ATOM   328 H H73    . DT  A 1 10 ? 0.933   1.943   13.832  1.00 0.00 ? 10 DT  A H73    1 
ATOM   329 H H6     . DT  A 1 10 ? -1.306  1.826   13.318  1.00 0.00 ? 10 DT  A H6     1 
ATOM   330 P P      . DC  A 1 11 ? -7.898  1.821   13.017  1.00 0.00 ? 11 DC  A P      1 
ATOM   331 O OP1    . DC  A 1 11 ? -7.981  2.769   11.879  1.00 0.00 ? 11 DC  A OP1    1 
ATOM   332 O OP2    . DC  A 1 11 ? -8.454  2.224   14.333  1.00 0.00 ? 11 DC  A OP2    1 
ATOM   333 O "O5'"  . DC  A 1 11 ? -8.583  0.435   12.555  1.00 0.00 ? 11 DC  A "O5'"  1 
ATOM   334 C "C5'"  . DC  A 1 11 ? -8.735  -0.659  13.453  1.00 0.00 ? 11 DC  A "C5'"  1 
ATOM   335 C "C4'"  . DC  A 1 11 ? -8.166  -1.960  12.864  1.00 0.00 ? 11 DC  A "C4'"  1 
ATOM   336 O "O4'"  . DC  A 1 11 ? -6.739  -1.928  12.873  1.00 0.00 ? 11 DC  A "O4'"  1 
ATOM   337 C "C3'"  . DC  A 1 11 ? -8.603  -3.184  13.695  1.00 0.00 ? 11 DC  A "C3'"  1 
ATOM   338 O "O3'"  . DC  A 1 11 ? -9.106  -4.188  12.816  1.00 0.00 ? 11 DC  A "O3'"  1 
ATOM   339 C "C2'"  . DC  A 1 11 ? -7.299  -3.592  14.383  1.00 0.00 ? 11 DC  A "C2'"  1 
ATOM   340 C "C1'"  . DC  A 1 11 ? -6.265  -3.177  13.342  1.00 0.00 ? 11 DC  A "C1'"  1 
ATOM   341 N N1     . DC  A 1 11 ? -4.877  -3.062  13.882  1.00 0.00 ? 11 DC  A N1     1 
ATOM   342 C C2     . DC  A 1 11 ? -3.920  -4.014  13.510  1.00 0.00 ? 11 DC  A C2     1 
ATOM   343 O O2     . DC  A 1 11 ? -4.211  -5.014  12.855  1.00 0.00 ? 11 DC  A O2     1 
ATOM   344 N N3     . DC  A 1 11 ? -2.622  -3.880  13.876  1.00 0.00 ? 11 DC  A N3     1 
ATOM   345 C C4     . DC  A 1 11 ? -2.283  -2.840  14.606  1.00 0.00 ? 11 DC  A C4     1 
ATOM   346 N N4     . DC  A 1 11 ? -1.010  -2.728  14.861  1.00 0.00 ? 11 DC  A N4     1 
ATOM   347 C C5     . DC  A 1 11 ? -3.213  -1.872  15.075  1.00 0.00 ? 11 DC  A C5     1 
ATOM   348 C C6     . DC  A 1 11 ? -4.512  -2.019  14.698  1.00 0.00 ? 11 DC  A C6     1 
ATOM   349 H "H5'"  . DC  A 1 11 ? -9.799  -0.795  13.651  1.00 0.00 ? 11 DC  A "H5'"  1 
ATOM   350 H "H5''" . DC  A 1 11 ? -8.231  -0.459  14.400  1.00 0.00 ? 11 DC  A "H5''" 1 
ATOM   351 H "H4'"  . DC  A 1 11 ? -8.528  -2.077  11.840  1.00 0.00 ? 11 DC  A "H4'"  1 
ATOM   352 H "H3'"  . DC  A 1 11 ? -9.356  -2.901  14.433  1.00 0.00 ? 11 DC  A "H3'"  1 
ATOM   353 H "H2'"  . DC  A 1 11 ? -7.171  -3.018  15.301  1.00 0.00 ? 11 DC  A "H2'"  1 
ATOM   354 H "H2''" . DC  A 1 11 ? -7.254  -4.659  14.587  1.00 0.00 ? 11 DC  A "H2''" 1 
ATOM   355 H "H1'"  . DC  A 1 11 ? -6.290  -3.904  12.523  1.00 0.00 ? 11 DC  A "H1'"  1 
ATOM   356 H H41    . DC  A 1 11 ? -0.391  -3.443  14.495  1.00 0.00 ? 11 DC  A H41    1 
ATOM   357 H H42    . DC  A 1 11 ? -0.676  -1.969  15.427  1.00 0.00 ? 11 DC  A H42    1 
ATOM   358 H H5     . DC  A 1 11 ? -2.920  -1.039  15.694  1.00 0.00 ? 11 DC  A H5     1 
ATOM   359 H H6     . DC  A 1 11 ? -5.268  -1.305  15.007  1.00 0.00 ? 11 DC  A H6     1 
ATOM   360 P P      . DC  A 1 12 ? -10.077 -5.389  13.304  1.00 0.00 ? 12 DC  A P      1 
ATOM   361 O OP1    . DC  A 1 12 ? -10.846 -5.847  12.120  1.00 0.00 ? 12 DC  A OP1    1 
ATOM   362 O OP2    . DC  A 1 12 ? -10.829 -4.942  14.504  1.00 0.00 ? 12 DC  A OP2    1 
ATOM   363 O "O5'"  . DC  A 1 12 ? -9.071  -6.584  13.713  1.00 0.00 ? 12 DC  A "O5'"  1 
ATOM   364 C "C5'"  . DC  A 1 12 ? -8.870  -6.979  15.064  1.00 0.00 ? 12 DC  A "C5'"  1 
ATOM   365 C "C4'"  . DC  A 1 12 ? -7.627  -7.869  15.188  1.00 0.00 ? 12 DC  A "C4'"  1 
ATOM   366 O "O4'"  . DC  A 1 12 ? -6.451  -7.105  14.975  1.00 0.00 ? 12 DC  A "O4'"  1 
ATOM   367 C "C3'"  . DC  A 1 12 ? -7.481  -8.453  16.598  1.00 0.00 ? 12 DC  A "C3'"  1 
ATOM   368 O "O3'"  . DC  A 1 12 ? -8.148  -9.704  16.738  1.00 0.00 ? 12 DC  A "O3'"  1 
ATOM   369 C "C2'"  . DC  A 1 12 ? -5.969  -8.625  16.734  1.00 0.00 ? 12 DC  A "C2'"  1 
ATOM   370 C "C1'"  . DC  A 1 12 ? -5.368  -7.721  15.648  1.00 0.00 ? 12 DC  A "C1'"  1 
ATOM   371 N N1     . DC  A 1 12 ? -4.464  -6.688  16.227  1.00 0.00 ? 12 DC  A N1     1 
ATOM   372 C C2     . DC  A 1 12 ? -3.097  -6.974  16.334  1.00 0.00 ? 12 DC  A C2     1 
ATOM   373 O O2     . DC  A 1 12 ? -2.625  -8.057  15.985  1.00 0.00 ? 12 DC  A O2     1 
ATOM   374 N N3     . DC  A 1 12 ? -2.236  -6.070  16.853  1.00 0.00 ? 12 DC  A N3     1 
ATOM   375 C C4     . DC  A 1 12 ? -2.716  -4.924  17.283  1.00 0.00 ? 12 DC  A C4     1 
ATOM   376 N N4     . DC  A 1 12 ? -1.837  -4.102  17.779  1.00 0.00 ? 12 DC  A N4     1 
ATOM   377 C C5     . DC  A 1 12 ? -4.095  -4.584  17.247  1.00 0.00 ? 12 DC  A C5     1 
ATOM   378 C C6     . DC  A 1 12 ? -4.948  -5.496  16.714  1.00 0.00 ? 12 DC  A C6     1 
ATOM   379 H "H5'"  . DC  A 1 12 ? -9.744  -7.532  15.411  1.00 0.00 ? 12 DC  A "H5'"  1 
ATOM   380 H "H5''" . DC  A 1 12 ? -8.738  -6.101  15.699  1.00 0.00 ? 12 DC  A "H5''" 1 
ATOM   381 H "H4'"  . DC  A 1 12 ? -7.678  -8.683  14.464  1.00 0.00 ? 12 DC  A "H4'"  1 
ATOM   382 H "H3'"  . DC  A 1 12 ? -7.837  -7.726  17.333  1.00 0.00 ? 12 DC  A "H3'"  1 
ATOM   383 H "HO3'" . DC  A 1 12 ? -8.041  -10.028 17.655  1.00 0.00 ? 12 DC  A "HO3'" 1 
ATOM   384 H "H2'"  . DC  A 1 12 ? -5.643  -8.332  17.733  1.00 0.00 ? 12 DC  A "H2'"  1 
ATOM   385 H "H2''" . DC  A 1 12 ? -5.674  -9.658  16.540  1.00 0.00 ? 12 DC  A "H2''" 1 
ATOM   386 H "H1'"  . DC  A 1 12 ? -4.810  -8.343  14.939  1.00 0.00 ? 12 DC  A "H1'"  1 
ATOM   387 H H41    . DC  A 1 12 ? -0.864  -4.382  17.722  1.00 0.00 ? 12 DC  A H41    1 
ATOM   388 H H42    . DC  A 1 12 ? -2.125  -3.206  18.126  1.00 0.00 ? 12 DC  A H42    1 
ATOM   389 H H5     . DC  A 1 12 ? -4.473  -3.645  17.622  1.00 0.00 ? 12 DC  A H5     1 
ATOM   390 H H6     . DC  A 1 12 ? -6.013  -5.295  16.666  1.00 0.00 ? 12 DC  A H6     1 
ATOM   391 O "O5'"  . DG  B 2 1  ? 8.609   -9.145  16.259  1.00 0.00 ? 13 DG  B "O5'"  1 
ATOM   392 C "C5'"  . DG  B 2 1  ? 7.952   -10.395 16.031  1.00 0.00 ? 13 DG  B "C5'"  1 
ATOM   393 C "C4'"  . DG  B 2 1  ? 6.675   -10.273 15.173  1.00 0.00 ? 13 DG  B "C4'"  1 
ATOM   394 O "O4'"  . DG  B 2 1  ? 5.683   -9.568  15.909  1.00 0.00 ? 13 DG  B "O4'"  1 
ATOM   395 C "C3'"  . DG  B 2 1  ? 6.930   -9.519  13.837  1.00 0.00 ? 13 DG  B "C3'"  1 
ATOM   396 O "O3'"  . DG  B 2 1  ? 6.320   -9.981  12.625  1.00 0.00 ? 13 DG  B "O3'"  1 
ATOM   397 C "C2'"  . DG  B 2 1  ? 6.262   -8.180  14.144  1.00 0.00 ? 13 DG  B "C2'"  1 
ATOM   398 C "C1'"  . DG  B 2 1  ? 5.095   -8.649  15.016  1.00 0.00 ? 13 DG  B "C1'"  1 
ATOM   399 N N9     . DG  B 2 1  ? 4.379   -7.571  15.737  1.00 0.00 ? 13 DG  B N9     1 
ATOM   400 C C8     . DG  B 2 1  ? 4.838   -6.344  16.158  1.00 0.00 ? 13 DG  B C8     1 
ATOM   401 N N7     . DG  B 2 1  ? 3.914   -5.566  16.663  1.00 0.00 ? 13 DG  B N7     1 
ATOM   402 C C5     . DG  B 2 1  ? 2.745   -6.336  16.559  1.00 0.00 ? 13 DG  B C5     1 
ATOM   403 C C6     . DG  B 2 1  ? 1.373   -6.052  16.903  1.00 0.00 ? 13 DG  B C6     1 
ATOM   404 O O6     . DG  B 2 1  ? 0.889   -5.034  17.405  1.00 0.00 ? 13 DG  B O6     1 
ATOM   405 N N1     . DG  B 2 1  ? 0.506   -7.085  16.608  1.00 0.00 ? 13 DG  B N1     1 
ATOM   406 C C2     . DG  B 2 1  ? 0.898   -8.277  16.096  1.00 0.00 ? 13 DG  B C2     1 
ATOM   407 N N2     . DG  B 2 1  ? -0.030  -9.148  15.816  1.00 0.00 ? 13 DG  B N2     1 
ATOM   408 N N3     . DG  B 2 1  ? 2.149   -8.596  15.786  1.00 0.00 ? 13 DG  B N3     1 
ATOM   409 C C4     . DG  B 2 1  ? 3.032   -7.576  16.026  1.00 0.00 ? 13 DG  B C4     1 
ATOM   410 H "H5'"  . DG  B 2 1  ? 7.685   -10.848 16.988  1.00 0.00 ? 13 DG  B "H5'"  1 
ATOM   411 H "H5''" . DG  B 2 1  ? 8.643   -11.072 15.521  1.00 0.00 ? 13 DG  B "H5''" 1 
ATOM   412 H "H4'"  . DG  B 2 1  ? 6.299   -11.276 14.988  1.00 0.00 ? 13 DG  B "H4'"  1 
ATOM   413 H "H3'"  . DG  B 2 1  ? 8.001   -9.387  13.672  1.00 0.00 ? 13 DG  B "H3'"  1 
ATOM   414 H "H2'"  . DG  B 2 1  ? 6.945   -7.549  14.712  1.00 0.00 ? 13 DG  B "H2'"  1 
ATOM   415 H "H2''" . DG  B 2 1  ? 5.919   -7.666  13.244  1.00 0.00 ? 13 DG  B "H2''" 1 
ATOM   416 H "H1'"  . DG  B 2 1  ? 4.377   -9.182  14.386  1.00 0.00 ? 13 DG  B "H1'"  1 
ATOM   417 H H8     . DG  B 2 1  ? 5.880   -6.055  16.077  1.00 0.00 ? 13 DG  B H8     1 
ATOM   418 H H1     . DG  B 2 1  ? -0.478  -6.913  16.756  1.00 0.00 ? 13 DG  B H1     1 
ATOM   419 H H21    . DG  B 2 1  ? -1.012  -8.895  15.916  1.00 0.00 ? 13 DG  B H21    1 
ATOM   420 H H22    . DG  B 2 1  ? 0.249   -10.004 15.367  1.00 0.00 ? 13 DG  B H22    1 
ATOM   421 H "HO5'" . DG  B 2 1  ? 9.385   -9.277  16.843  1.00 0.00 ? 13 DG  B "HO5'" 1 
ATOM   422 P P      . DG  B 2 2  ? 6.016   -11.518 12.245  1.00 0.00 ? 14 DG  B P      1 
ATOM   423 O OP1    . DG  B 2 2  ? 6.893   -12.431 13.018  1.00 0.00 ? 14 DG  B OP1    1 
ATOM   424 O OP2    . DG  B 2 2  ? 5.968   -11.632 10.767  1.00 0.00 ? 14 DG  B OP2    1 
ATOM   425 O "O5'"  . DG  B 2 2  ? 4.511   -11.573 12.799  1.00 0.00 ? 14 DG  B "O5'"  1 
ATOM   426 C "C5'"  . DG  B 2 2  ? 3.810   -12.785 13.035  1.00 0.00 ? 14 DG  B "C5'"  1 
ATOM   427 C "C4'"  . DG  B 2 2  ? 2.310   -12.642 12.711  1.00 0.00 ? 14 DG  B "C4'"  1 
ATOM   428 O "O4'"  . DG  B 2 2  ? 1.776   -11.415 13.220  1.00 0.00 ? 14 DG  B "O4'"  1 
ATOM   429 C "C3'"  . DG  B 2 2  ? 2.019   -12.677 11.201  1.00 0.00 ? 14 DG  B "C3'"  1 
ATOM   430 O "O3'"  . DG  B 2 2  ? 0.814   -13.419 11.012  1.00 0.00 ? 14 DG  B "O3'"  1 
ATOM   431 C "C2'"  . DG  B 2 2  ? 1.906   -11.189 10.867  1.00 0.00 ? 14 DG  B "C2'"  1 
ATOM   432 C "C1'"  . DG  B 2 2  ? 1.258   -10.649 12.136  1.00 0.00 ? 14 DG  B "C1'"  1 
ATOM   433 N N9     . DG  B 2 2  ? 1.501   -9.201  12.348  1.00 0.00 ? 14 DG  B N9     1 
ATOM   434 C C8     . DG  B 2 2  ? 2.689   -8.511  12.403  1.00 0.00 ? 14 DG  B C8     1 
ATOM   435 N N7     . DG  B 2 2  ? 2.567   -7.256  12.761  1.00 0.00 ? 14 DG  B N7     1 
ATOM   436 C C5     . DG  B 2 2  ? 1.181   -7.094  12.920  1.00 0.00 ? 14 DG  B C5     1 
ATOM   437 C C6     . DG  B 2 2  ? 0.379   -5.972  13.349  1.00 0.00 ? 14 DG  B C6     1 
ATOM   438 O O6     . DG  B 2 2  ? 0.727   -4.861  13.754  1.00 0.00 ? 14 DG  B O6     1 
ATOM   439 N N1     . DG  B 2 2  ? -0.979  -6.214  13.287  1.00 0.00 ? 14 DG  B N1     1 
ATOM   440 C C2     . DG  B 2 2  ? -1.520  -7.394  12.898  1.00 0.00 ? 14 DG  B C2     1 
ATOM   441 N N2     . DG  B 2 2  ? -2.817  -7.453  12.773  1.00 0.00 ? 14 DG  B N2     1 
ATOM   442 N N3     . DG  B 2 2  ? -0.825  -8.477  12.568  1.00 0.00 ? 14 DG  B N3     1 
ATOM   443 C C4     . DG  B 2 2  ? 0.525   -8.264  12.597  1.00 0.00 ? 14 DG  B C4     1 
ATOM   444 H "H5'"  . DG  B 2 2  ? 3.926   -13.072 14.081  1.00 0.00 ? 14 DG  B "H5'"  1 
ATOM   445 H "H5''" . DG  B 2 2  ? 4.222   -13.586 12.418  1.00 0.00 ? 14 DG  B "H5''" 1 
ATOM   446 H "H4'"  . DG  B 2 2  ? 1.790   -13.479 13.181  1.00 0.00 ? 14 DG  B "H4'"  1 
ATOM   447 H "H3'"  . DG  B 2 2  ? 2.841   -13.136 10.648  1.00 0.00 ? 14 DG  B "H3'"  1 
ATOM   448 H "H2'"  . DG  B 2 2  ? 2.904   -10.771 10.733  1.00 0.00 ? 14 DG  B "H2'"  1 
ATOM   449 H "H2''" . DG  B 2 2  ? 1.296   -10.994 9.985   1.00 0.00 ? 14 DG  B "H2''" 1 
ATOM   450 H "H1'"  . DG  B 2 2  ? 0.180   -10.823 12.062  1.00 0.00 ? 14 DG  B "H1'"  1 
ATOM   451 H H8     . DG  B 2 2  ? 3.644   -8.990  12.207  1.00 0.00 ? 14 DG  B H8     1 
ATOM   452 H H1     . DG  B 2 2  ? -1.593  -5.444  13.499  1.00 0.00 ? 14 DG  B H1     1 
ATOM   453 H H21    . DG  B 2 2  ? -3.374  -6.606  12.852  1.00 0.00 ? 14 DG  B H21    1 
ATOM   454 H H22    . DG  B 2 2  ? -3.204  -8.298  12.393  1.00 0.00 ? 14 DG  B H22    1 
ATOM   455 P P      . DA  B 2 3  ? 0.158   -13.692 9.568   1.00 0.00 ? 15 DA  B P      1 
ATOM   456 O OP1    . DA  B 2 3  ? -0.567  -14.985 9.633   1.00 0.00 ? 15 DA  B OP1    1 
ATOM   457 O OP2    . DA  B 2 3  ? 1.193   -13.497 8.522   1.00 0.00 ? 15 DA  B OP2    1 
ATOM   458 O "O5'"  . DA  B 2 3  ? -0.930  -12.511 9.457   1.00 0.00 ? 15 DA  B "O5'"  1 
ATOM   459 C "C5'"  . DA  B 2 3  ? -1.611  -12.255 8.236   1.00 0.00 ? 15 DA  B "C5'"  1 
ATOM   460 C "C4'"  . DA  B 2 3  ? -2.325  -10.886 8.209   1.00 0.00 ? 15 DA  B "C4'"  1 
ATOM   461 O "O4'"  . DA  B 2 3  ? -1.637  -9.920  9.007   1.00 0.00 ? 15 DA  B "O4'"  1 
ATOM   462 C "C3'"  . DA  B 2 3  ? -2.324  -10.352 6.750   1.00 0.00 ? 15 DA  B "C3'"  1 
ATOM   463 O "O3'"  . DA  B 2 3  ? -3.464  -9.592  6.339   1.00 0.00 ? 15 DA  B "O3'"  1 
ATOM   464 C "C2'"  . DA  B 2 3  ? -1.132  -9.401  6.826   1.00 0.00 ? 15 DA  B "C2'"  1 
ATOM   465 C "C1'"  . DA  B 2 3  ? -1.426  -8.788  8.196   1.00 0.00 ? 15 DA  B "C1'"  1 
ATOM   466 N N9     . DA  B 2 3  ? -0.376  -7.902  8.747   1.00 0.00 ? 15 DA  B N9     1 
ATOM   467 C C8     . DA  B 2 3  ? 0.992   -8.006  8.656   1.00 0.00 ? 15 DA  B C8     1 
ATOM   468 N N7     . DA  B 2 3  ? 1.645   -6.987  9.155   1.00 0.00 ? 15 DA  B N7     1 
ATOM   469 C C5     . DA  B 2 3  ? 0.614   -6.144  9.610   1.00 0.00 ? 15 DA  B C5     1 
ATOM   470 C C6     . DA  B 2 3  ? 0.554   -4.869  10.231  1.00 0.00 ? 15 DA  B C6     1 
ATOM   471 N N6     . DA  B 2 3  ? 1.603   -4.143  10.566  1.00 0.00 ? 15 DA  B N6     1 
ATOM   472 N N1     . DA  B 2 3  ? -0.612  -4.308  10.556  1.00 0.00 ? 15 DA  B N1     1 
ATOM   473 C C2     . DA  B 2 3  ? -1.723  -4.975  10.275  1.00 0.00 ? 15 DA  B C2     1 
ATOM   474 N N3     . DA  B 2 3  ? -1.829  -6.164  9.695   1.00 0.00 ? 15 DA  B N3     1 
ATOM   475 C C4     . DA  B 2 3  ? -0.614  -6.704  9.385   1.00 0.00 ? 15 DA  B C4     1 
ATOM   476 H "H5'"  . DA  B 2 3  ? -2.352  -13.037 8.063   1.00 0.00 ? 15 DA  B "H5'"  1 
ATOM   477 H "H5''" . DA  B 2 3  ? -0.887  -12.295 7.422   1.00 0.00 ? 15 DA  B "H5''" 1 
ATOM   478 H "H4'"  . DA  B 2 3  ? -3.339  -11.011 8.586   1.00 0.00 ? 15 DA  B "H4'"  1 
ATOM   479 H "H3'"  . DA  B 2 3  ? -2.141  -11.155 6.032   1.00 0.00 ? 15 DA  B "H3'"  1 
ATOM   480 H "H2'"  . DA  B 2 3  ? -0.195  -9.960  6.841   1.00 0.00 ? 15 DA  B "H2'"  1 
ATOM   481 H "H2''" . DA  B 2 3  ? -1.131  -8.674  6.016   1.00 0.00 ? 15 DA  B "H2''" 1 
ATOM   482 H "H1'"  . DA  B 2 3  ? -2.362  -8.218  8.135   1.00 0.00 ? 15 DA  B "H1'"  1 
ATOM   483 H H8     . DA  B 2 3  ? 1.483   -8.861  8.203   1.00 0.00 ? 15 DA  B H8     1 
ATOM   484 H H61    . DA  B 2 3  ? 1.450   -3.257  11.033  1.00 0.00 ? 15 DA  B H61    1 
ATOM   485 H H62    . DA  B 2 3  ? 2.528   -4.492  10.378  1.00 0.00 ? 15 DA  B H62    1 
ATOM   486 H H2     . DA  B 2 3  ? -2.653  -4.492  10.547  1.00 0.00 ? 15 DA  B H2     1 
ATOM   487 P P      . DC  B 2 4  ? -4.979  -10.116 6.522   1.00 0.00 ? 16 DC  B P      1 
ATOM   488 O OP1    . DC  B 2 4  ? -4.960  -11.591 6.682   1.00 0.00 ? 16 DC  B OP1    1 
ATOM   489 O OP2    . DC  B 2 4  ? -5.818  -9.530  5.452   1.00 0.00 ? 16 DC  B OP2    1 
ATOM   490 O "O5'"  . DC  B 2 4  ? -5.338  -9.454  7.956   1.00 0.00 ? 16 DC  B "O5'"  1 
ATOM   491 C "C5'"  . DC  B 2 4  ? -6.438  -8.572  8.199   1.00 0.00 ? 16 DC  B "C5'"  1 
ATOM   492 C "C4'"  . DC  B 2 4  ? -6.259  -7.069  7.868   1.00 0.00 ? 16 DC  B "C4'"  1 
ATOM   493 O "O4'"  . DC  B 2 4  ? -4.918  -6.599  8.028   1.00 0.00 ? 16 DC  B "O4'"  1 
ATOM   494 C "C3'"  . DC  B 2 4  ? -6.718  -6.649  6.452   1.00 0.00 ? 16 DC  B "C3'"  1 
ATOM   495 O "O3'"  . DC  B 2 4  ? -7.463  -5.437  6.434   1.00 0.00 ? 16 DC  B "O3'"  1 
ATOM   496 C "C2'"  . DC  B 2 4  ? -5.390  -6.274  5.809   1.00 0.00 ? 16 DC  B "C2'"  1 
ATOM   497 C "C1'"  . DC  B 2 4  ? -4.717  -5.625  7.017   1.00 0.00 ? 16 DC  B "C1'"  1 
ATOM   498 N N1     . DC  B 2 4  ? -3.288  -5.250  6.839   1.00 0.00 ? 16 DC  B N1     1 
ATOM   499 C C2     . DC  B 2 4  ? -2.859  -3.987  7.279   1.00 0.00 ? 16 DC  B C2     1 
ATOM   500 O O2     . DC  B 2 4  ? -3.638  -3.135  7.706   1.00 0.00 ? 16 DC  B O2     1 
ATOM   501 N N3     . DC  B 2 4  ? -1.551  -3.643  7.235   1.00 0.00 ? 16 DC  B N3     1 
ATOM   502 C C4     . DC  B 2 4  ? -0.695  -4.508  6.739   1.00 0.00 ? 16 DC  B C4     1 
ATOM   503 N N4     . DC  B 2 4  ? 0.556   -4.167  6.814   1.00 0.00 ? 16 DC  B N4     1 
ATOM   504 C C5     . DC  B 2 4  ? -1.072  -5.768  6.200   1.00 0.00 ? 16 DC  B C5     1 
ATOM   505 C C6     . DC  B 2 4  ? -2.384  -6.109  6.267   1.00 0.00 ? 16 DC  B C6     1 
ATOM   506 H "H5'"  . DC  B 2 4  ? -6.645  -8.624  9.269   1.00 0.00 ? 16 DC  B "H5'"  1 
ATOM   507 H "H5''" . DC  B 2 4  ? -7.328  -8.948  7.693   1.00 0.00 ? 16 DC  B "H5''" 1 
ATOM   508 H "H4'"  . DC  B 2 4  ? -6.877  -6.526  8.582   1.00 0.00 ? 16 DC  B "H4'"  1 
ATOM   509 H "H3'"  . DC  B 2 4  ? -7.227  -7.447  5.911   1.00 0.00 ? 16 DC  B "H3'"  1 
ATOM   510 H "H2'"  . DC  B 2 4  ? -4.857  -7.162  5.481   1.00 0.00 ? 16 DC  B "H2'"  1 
ATOM   511 H "H2''" . DC  B 2 4  ? -5.530  -5.580  4.986   1.00 0.00 ? 16 DC  B "H2''" 1 
ATOM   512 H "H1'"  . DC  B 2 4  ? -5.290  -4.724  7.269   1.00 0.00 ? 16 DC  B "H1'"  1 
ATOM   513 H H41    . DC  B 2 4  ? 0.776   -3.280  7.256   1.00 0.00 ? 16 DC  B H41    1 
ATOM   514 H H42    . DC  B 2 4  ? 1.266   -4.786  6.470   1.00 0.00 ? 16 DC  B H42    1 
ATOM   515 H H5     . DC  B 2 4  ? -0.355  -6.448  5.769   1.00 0.00 ? 16 DC  B H5     1 
ATOM   516 H H6     . DC  B 2 4  ? -2.727  -7.068  5.898   1.00 0.00 ? 16 DC  B H6     1 
ATOM   517 P P      . DT  B 2 5  ? -9.005  -5.309  6.848   1.00 0.00 ? 17 DT  B P      1 
ATOM   518 O OP1    . DT  B 2 5  ? -9.164  -5.675  8.276   1.00 0.00 ? 17 DT  B OP1    1 
ATOM   519 O OP2    . DT  B 2 5  ? -9.841  -5.989  5.826   1.00 0.00 ? 17 DT  B OP2    1 
ATOM   520 O "O5'"  . DT  B 2 5  ? -9.186  -3.706  6.707   1.00 0.00 ? 17 DT  B "O5'"  1 
ATOM   521 C "C5'"  . DT  B 2 5  ? -9.152  -3.074  5.430   1.00 0.00 ? 17 DT  B "C5'"  1 
ATOM   522 C "C4'"  . DT  B 2 5  ? -8.042  -2.017  5.251   1.00 0.00 ? 17 DT  B "C4'"  1 
ATOM   523 O "O4'"  . DT  B 2 5  ? -6.707  -2.523  5.405   1.00 0.00 ? 17 DT  B "O4'"  1 
ATOM   524 C "C3'"  . DT  B 2 5  ? -8.121  -1.474  3.804   1.00 0.00 ? 17 DT  B "C3'"  1 
ATOM   525 O "O3'"  . DT  B 2 5  ? -8.121  -0.059  3.740   1.00 0.00 ? 17 DT  B "O3'"  1 
ATOM   526 C "C2'"  . DT  B 2 5  ? -6.814  -1.964  3.200   1.00 0.00 ? 17 DT  B "C2'"  1 
ATOM   527 C "C1'"  . DT  B 2 5  ? -5.913  -1.866  4.428   1.00 0.00 ? 17 DT  B "C1'"  1 
ATOM   528 N N1     . DT  B 2 5  ? -4.540  -2.429  4.241   1.00 0.00 ? 17 DT  B N1     1 
ATOM   529 C C2     . DT  B 2 5  ? -3.445  -1.629  4.609   1.00 0.00 ? 17 DT  B C2     1 
ATOM   530 O O2     . DT  B 2 5  ? -3.545  -0.516  5.123   1.00 0.00 ? 17 DT  B O2     1 
ATOM   531 N N3     . DT  B 2 5  ? -2.190  -2.123  4.341   1.00 0.00 ? 17 DT  B N3     1 
ATOM   532 C C4     . DT  B 2 5  ? -1.909  -3.320  3.726   1.00 0.00 ? 17 DT  B C4     1 
ATOM   533 O O4     . DT  B 2 5  ? -0.734  -3.628  3.541   1.00 0.00 ? 17 DT  B O4     1 
ATOM   534 C C5     . DT  B 2 5  ? -3.085  -4.107  3.358   1.00 0.00 ? 17 DT  B C5     1 
ATOM   535 C C7     . DT  B 2 5  ? -2.915  -5.459  2.683   1.00 0.00 ? 17 DT  B C7     1 
ATOM   536 C C6     . DT  B 2 5  ? -4.338  -3.642  3.610   1.00 0.00 ? 17 DT  B C6     1 
ATOM   537 H "H5'"  . DT  B 2 5  ? -10.110 -2.572  5.283   1.00 0.00 ? 17 DT  B "H5'"  1 
ATOM   538 H "H5''" . DT  B 2 5  ? -9.046  -3.819  4.641   1.00 0.00 ? 17 DT  B "H5''" 1 
ATOM   539 H "H4'"  . DT  B 2 5  ? -8.207  -1.199  5.955   1.00 0.00 ? 17 DT  B "H4'"  1 
ATOM   540 H "H3'"  . DT  B 2 5  ? -8.969  -1.886  3.250   1.00 0.00 ? 17 DT  B "H3'"  1 
ATOM   541 H "H2'"  . DT  B 2 5  ? -6.933  -2.998  2.874   1.00 0.00 ? 17 DT  B "H2'"  1 
ATOM   542 H "H2''" . DT  B 2 5  ? -6.478  -1.337  2.379   1.00 0.00 ? 17 DT  B "H2''" 1 
ATOM   543 H "H1'"  . DT  B 2 5  ? -5.829  -0.807  4.699   1.00 0.00 ? 17 DT  B "H1'"  1 
ATOM   544 H H3     . DT  B 2 5  ? -1.402  -1.542  4.590   1.00 0.00 ? 17 DT  B H3     1 
ATOM   545 H H71    . DT  B 2 5  ? -2.292  -6.100  3.308   1.00 0.00 ? 17 DT  B H71    1 
ATOM   546 H H72    . DT  B 2 5  ? -3.877  -5.946  2.521   1.00 0.00 ? 17 DT  B H72    1 
ATOM   547 H H73    . DT  B 2 5  ? -2.412  -5.324  1.725   1.00 0.00 ? 17 DT  B H73    1 
ATOM   548 H H6     . DT  B 2 5  ? -5.193  -4.233  3.315   1.00 0.00 ? 17 DT  B H6     1 
ATOM   549 P P      . DC  B 2 6  ? -9.484  0.783   3.835   1.00 0.00 ? 18 DC  B P      1 
ATOM   550 O OP1    . DC  B 2 6  ? -10.213 0.391   5.067   1.00 0.00 ? 18 DC  B OP1    1 
ATOM   551 O OP2    . DC  B 2 6  ? -10.175 0.684   2.526   1.00 0.00 ? 18 DC  B OP2    1 
ATOM   552 O "O5'"  . DC  B 2 6  ? -8.943  2.290   4.007   1.00 0.00 ? 18 DC  B "O5'"  1 
ATOM   553 C "C5'"  . DC  B 2 6  ? -8.253  2.700   5.184   1.00 0.00 ? 18 DC  B "C5'"  1 
ATOM   554 C "C4'"  . DC  B 2 6  ? -6.844  3.244   4.898   1.00 0.00 ? 18 DC  B "C4'"  1 
ATOM   555 O "O4'"  . DC  B 2 6  ? -5.939  2.227   4.479   1.00 0.00 ? 18 DC  B "O4'"  1 
ATOM   556 C "C3'"  . DC  B 2 6  ? -6.807  4.368   3.847   1.00 0.00 ? 18 DC  B "C3'"  1 
ATOM   557 O "O3'"  . DC  B 2 6  ? -6.423  5.572   4.506   1.00 0.00 ? 18 DC  B "O3'"  1 
ATOM   558 C "C2'"  . DC  B 2 6  ? -5.771  3.849   2.842   1.00 0.00 ? 18 DC  B "C2'"  1 
ATOM   559 C "C1'"  . DC  B 2 6  ? -4.957  2.861   3.678   1.00 0.00 ? 18 DC  B "C1'"  1 
ATOM   560 N N1     . DC  B 2 6  ? -4.195  1.858   2.877   1.00 0.00 ? 18 DC  B N1     1 
ATOM   561 C C2     . DC  B 2 6  ? -2.794  1.842   2.946   1.00 0.00 ? 18 DC  B C2     1 
ATOM   562 O O2     . DC  B 2 6  ? -2.159  2.672   3.595   1.00 0.00 ? 18 DC  B O2     1 
ATOM   563 N N3     . DC  B 2 6  ? -2.070  0.904   2.288   1.00 0.00 ? 18 DC  B N3     1 
ATOM   564 C C4     . DC  B 2 6  ? -2.719  0.002   1.585   1.00 0.00 ? 18 DC  B C4     1 
ATOM   565 N N4     . DC  B 2 6  ? -1.978  -0.918  1.039   1.00 0.00 ? 18 DC  B N4     1 
ATOM   566 C C5     . DC  B 2 6  ? -4.133  -0.028  1.450   1.00 0.00 ? 18 DC  B C5     1 
ATOM   567 C C6     . DC  B 2 6  ? -4.845  0.924   2.109   1.00 0.00 ? 18 DC  B C6     1 
ATOM   568 H "H5'"  . DC  B 2 6  ? -8.162  1.872   5.889   1.00 0.00 ? 18 DC  B "H5'"  1 
ATOM   569 H "H5''" . DC  B 2 6  ? -8.832  3.488   5.668   1.00 0.00 ? 18 DC  B "H5''" 1 
ATOM   570 H "H4'"  . DC  B 2 6  ? -6.462  3.652   5.835   1.00 0.00 ? 18 DC  B "H4'"  1 
ATOM   571 H "H3'"  . DC  B 2 6  ? -7.780  4.484   3.366   1.00 0.00 ? 18 DC  B "H3'"  1 
ATOM   572 H "H2'"  . DC  B 2 6  ? -6.290  3.329   2.036   1.00 0.00 ? 18 DC  B "H2'"  1 
ATOM   573 H "H2''" . DC  B 2 6  ? -5.144  4.640   2.435   1.00 0.00 ? 18 DC  B "H2''" 1 
ATOM   574 H "H1'"  . DC  B 2 6  ? -4.274  3.430   4.318   1.00 0.00 ? 18 DC  B "H1'"  1 
ATOM   575 H H41    . DC  B 2 6  ? -0.974  -0.856  1.174   1.00 0.00 ? 18 DC  B H41    1 
ATOM   576 H H42    . DC  B 2 6  ? -2.398  -1.624  0.463   1.00 0.00 ? 18 DC  B H42    1 
ATOM   577 H H5     . DC  B 2 6  ? -4.643  -0.771  0.856   1.00 0.00 ? 18 DC  B H5     1 
ATOM   578 H H6     . DC  B 2 6  ? -5.930  0.946   2.061   1.00 0.00 ? 18 DC  B H6     1 
ATOM   579 P P      . DG  B 2 7  ? -6.488  7.023   3.802   1.00 0.00 ? 19 DG  B P      1 
ATOM   580 O OP1    . DG  B 2 7  ? -6.539  8.045   4.878   1.00 0.00 ? 19 DG  B OP1    1 
ATOM   581 O OP2    . DG  B 2 7  ? -7.558  7.017   2.773   1.00 0.00 ? 19 DG  B OP2    1 
ATOM   582 O "O5'"  . DG  B 2 7  ? -5.067  7.134   3.060   1.00 0.00 ? 19 DG  B "O5'"  1 
ATOM   583 C "C5'"  . DG  B 2 7  ? -3.857  7.164   3.807   1.00 0.00 ? 19 DG  B "C5'"  1 
ATOM   584 C "C4'"  . DG  B 2 7  ? -2.616  6.989   2.924   1.00 0.00 ? 19 DG  B "C4'"  1 
ATOM   585 O "O4'"  . DG  B 2 7  ? -2.560  5.673   2.385   1.00 0.00 ? 19 DG  B "O4'"  1 
ATOM   586 C "C3'"  . DG  B 2 7  ? -2.527  7.980   1.749   1.00 0.00 ? 19 DG  B "C3'"  1 
ATOM   587 O "O3'"  . DG  B 2 7  ? -1.244  8.603   1.804   1.00 0.00 ? 19 DG  B "O3'"  1 
ATOM   588 C "C2'"  . DG  B 2 7  ? -2.685  7.058   0.536   1.00 0.00 ? 19 DG  B "C2'"  1 
ATOM   589 C "C1'"  . DG  B 2 7  ? -2.035  5.791   1.079   1.00 0.00 ? 19 DG  B "C1'"  1 
ATOM   590 N N9     . DG  B 2 7  ? -2.262  4.557   0.295   1.00 0.00 ? 19 DG  B N9     1 
ATOM   591 C C8     . DG  B 2 7  ? -3.437  3.963   -0.101  1.00 0.00 ? 19 DG  B C8     1 
ATOM   592 N N7     . DG  B 2 7  ? -3.275  2.816   -0.714  1.00 0.00 ? 19 DG  B N7     1 
ATOM   593 C C5     . DG  B 2 7  ? -1.880  2.650   -0.748  1.00 0.00 ? 19 DG  B C5     1 
ATOM   594 C C6     . DG  B 2 7  ? -1.039  1.599   -1.272  1.00 0.00 ? 19 DG  B C6     1 
ATOM   595 O O6     . DG  B 2 7  ? -1.353  0.537   -1.812  1.00 0.00 ? 19 DG  B O6     1 
ATOM   596 N N1     . DG  B 2 7  ? 0.311   1.850   -1.122  1.00 0.00 ? 19 DG  B N1     1 
ATOM   597 C C2     . DG  B 2 7  ? 0.809   2.967   -0.541  1.00 0.00 ? 19 DG  B C2     1 
ATOM   598 N N2     . DG  B 2 7  ? 2.102   3.079   -0.442  1.00 0.00 ? 19 DG  B N2     1 
ATOM   599 N N3     . DG  B 2 7  ? 0.080   3.947   -0.027  1.00 0.00 ? 19 DG  B N3     1 
ATOM   600 C C4     . DG  B 2 7  ? -1.262  3.731   -0.157  1.00 0.00 ? 19 DG  B C4     1 
ATOM   601 H "H5'"  . DG  B 2 7  ? -3.861  6.362   4.548   1.00 0.00 ? 19 DG  B "H5'"  1 
ATOM   602 H "H5''" . DG  B 2 7  ? -3.781  8.115   4.337   1.00 0.00 ? 19 DG  B "H5''" 1 
ATOM   603 H "H4'"  . DG  B 2 7  ? -1.742  7.138   3.561   1.00 0.00 ? 19 DG  B "H4'"  1 
ATOM   604 H "H3'"  . DG  B 2 7  ? -3.333  8.715   1.796   1.00 0.00 ? 19 DG  B "H3'"  1 
ATOM   605 H "H2'"  . DG  B 2 7  ? -3.743  6.887   0.331   1.00 0.00 ? 19 DG  B "H2'"  1 
ATOM   606 H "H2''" . DG  B 2 7  ? -2.173  7.433   -0.348  1.00 0.00 ? 19 DG  B "H2''" 1 
ATOM   607 H "H1'"  . DG  B 2 7  ? -0.959  5.966   1.129   1.00 0.00 ? 19 DG  B "H1'"  1 
ATOM   608 H H8     . DG  B 2 7  ? -4.406  4.401   0.104   1.00 0.00 ? 19 DG  B H8     1 
ATOM   609 H H1     . DG  B 2 7  ? 0.952   1.139   -1.438  1.00 0.00 ? 19 DG  B H1     1 
ATOM   610 H H21    . DG  B 2 7  ? 2.714   2.365   -0.829  1.00 0.00 ? 19 DG  B H21    1 
ATOM   611 H H22    . DG  B 2 7  ? 2.470   3.891   0.021   1.00 0.00 ? 19 DG  B H22    1 
ATOM   612 P P      . DC  B 2 8  ? -0.917  10.002  1.073   1.00 0.00 ? 20 DC  B P      1 
ATOM   613 O OP1    . DC  B 2 8  ? 0.348   10.520  1.654   1.00 0.00 ? 20 DC  B OP1    1 
ATOM   614 O OP2    . DC  B 2 8  ? -2.124  10.864  1.120   1.00 0.00 ? 20 DC  B OP2    1 
ATOM   615 O "O5'"  . DC  B 2 8  ? -0.665  9.583   -0.464  1.00 0.00 ? 20 DC  B "O5'"  1 
ATOM   616 C "C5'"  . DC  B 2 8  ? 0.409   10.095  -1.248  1.00 0.00 ? 20 DC  B "C5'"  1 
ATOM   617 C "C4'"  . DC  B 2 8  ? 1.785   9.440   -0.977  1.00 0.00 ? 20 DC  B "C4'"  1 
ATOM   618 O "O4'"  . DC  B 2 8  ? 1.683   8.017   -0.883  1.00 0.00 ? 20 DC  B "O4'"  1 
ATOM   619 C "C3'"  . DC  B 2 8  ? 2.720   9.733   -2.164  1.00 0.00 ? 20 DC  B "C3'"  1 
ATOM   620 O "O3'"  . DC  B 2 8  ? 4.088   9.783   -1.766  1.00 0.00 ? 20 DC  B "O3'"  1 
ATOM   621 C "C2'"  . DC  B 2 8  ? 2.410   8.544   -3.074  1.00 0.00 ? 20 DC  B "C2'"  1 
ATOM   622 C "C1'"  . DC  B 2 8  ? 2.142   7.410   -2.084  1.00 0.00 ? 20 DC  B "C1'"  1 
ATOM   623 N N1     . DC  B 2 8  ? 1.139   6.431   -2.597  1.00 0.00 ? 20 DC  B N1     1 
ATOM   624 C C2     . DC  B 2 8  ? 1.578   5.212   -3.130  1.00 0.00 ? 20 DC  B C2     1 
ATOM   625 O O2     . DC  B 2 8  ? 2.768   4.915   -3.197  1.00 0.00 ? 20 DC  B O2     1 
ATOM   626 N N3     . DC  B 2 8  ? 0.692   4.300   -3.602  1.00 0.00 ? 20 DC  B N3     1 
ATOM   627 C C4     . DC  B 2 8  ? -0.590  4.584   -3.542  1.00 0.00 ? 20 DC  B C4     1 
ATOM   628 N N4     . DC  B 2 8  ? -1.394  3.651   -3.956  1.00 0.00 ? 20 DC  B N4     1 
ATOM   629 C C5     . DC  B 2 8  ? -1.104  5.803   -3.025  1.00 0.00 ? 20 DC  B C5     1 
ATOM   630 C C6     . DC  B 2 8  ? -0.207  6.709   -2.562  1.00 0.00 ? 20 DC  B C6     1 
ATOM   631 H "H5'"  . DC  B 2 8  ? 0.496   11.171  -1.086  1.00 0.00 ? 20 DC  B "H5'"  1 
ATOM   632 H "H5''" . DC  B 2 8  ? 0.149   9.948   -2.296  1.00 0.00 ? 20 DC  B "H5''" 1 
ATOM   633 H "H4'"  . DC  B 2 8  ? 2.207   9.850   -0.059  1.00 0.00 ? 20 DC  B "H4'"  1 
ATOM   634 H "H3'"  . DC  B 2 8  ? 2.434   10.672  -2.643  1.00 0.00 ? 20 DC  B "H3'"  1 
ATOM   635 H "H2'"  . DC  B 2 8  ? 1.515   8.759   -3.659  1.00 0.00 ? 20 DC  B "H2'"  1 
ATOM   636 H "H2''" . DC  B 2 8  ? 3.234   8.300   -3.738  1.00 0.00 ? 20 DC  B "H2''" 1 
ATOM   637 H "H1'"  . DC  B 2 8  ? 3.092   6.904   -1.881  1.00 0.00 ? 20 DC  B "H1'"  1 
ATOM   638 H H41    . DC  B 2 8  ? -0.980  2.784   -4.285  1.00 0.00 ? 20 DC  B H41    1 
ATOM   639 H H42    . DC  B 2 8  ? -2.387  3.794   -3.928  1.00 0.00 ? 20 DC  B H42    1 
ATOM   640 H H5     . DC  B 2 8  ? -2.160  6.019   -2.983  1.00 0.00 ? 20 DC  B H5     1 
ATOM   641 H H6     . DC  B 2 8  ? -0.541  7.651   -2.144  1.00 0.00 ? 20 DC  B H6     1 
ATOM   642 P P      . DT  B 2 9  ? 5.230   10.438  -2.709  1.00 0.00 ? 21 DT  B P      1 
ATOM   643 O OP1    . DT  B 2 9  ? 6.448   10.625  -1.884  1.00 0.00 ? 21 DT  B OP1    1 
ATOM   644 O OP2    . DT  B 2 9  ? 4.653   11.620  -3.397  1.00 0.00 ? 21 DT  B OP2    1 
ATOM   645 O "O5'"  . DT  B 2 9  ? 5.539   9.318   -3.828  1.00 0.00 ? 21 DT  B "O5'"  1 
ATOM   646 C "C5'"  . DT  B 2 9  ? 6.266   8.137   -3.506  1.00 0.00 ? 21 DT  B "C5'"  1 
ATOM   647 C "C4'"  . DT  B 2 9  ? 6.303   7.115   -4.653  1.00 0.00 ? 21 DT  B "C4'"  1 
ATOM   648 O "O4'"  . DT  B 2 9  ? 5.040   6.473   -4.800  1.00 0.00 ? 21 DT  B "O4'"  1 
ATOM   649 C "C3'"  . DT  B 2 9  ? 6.693   7.701   -6.025  1.00 0.00 ? 21 DT  B "C3'"  1 
ATOM   650 O "O3'"  . DT  B 2 9  ? 7.751   6.911   -6.560  1.00 0.00 ? 21 DT  B "O3'"  1 
ATOM   651 C "C2'"  . DT  B 2 9  ? 5.387   7.542   -6.809  1.00 0.00 ? 21 DT  B "C2'"  1 
ATOM   652 C "C1'"  . DT  B 2 9  ? 4.839   6.261   -6.184  1.00 0.00 ? 21 DT  B "C1'"  1 
ATOM   653 N N1     . DT  B 2 9  ? 3.409   5.953   -6.482  1.00 0.00 ? 21 DT  B N1     1 
ATOM   654 C C2     . DT  B 2 9  ? 3.103   4.670   -6.958  1.00 0.00 ? 21 DT  B C2     1 
ATOM   655 O O2     . DT  B 2 9  ? 3.941   3.811   -7.229  1.00 0.00 ? 21 DT  B O2     1 
ATOM   656 N N3     . DT  B 2 9  ? 1.774   4.376   -7.143  1.00 0.00 ? 21 DT  B N3     1 
ATOM   657 C C4     . DT  B 2 9  ? 0.722   5.236   -6.947  1.00 0.00 ? 21 DT  B C4     1 
ATOM   658 O O4     . DT  B 2 9  ? -0.418  4.825   -7.159  1.00 0.00 ? 21 DT  B O4     1 
ATOM   659 C C5     . DT  B 2 9  ? 1.103   6.575   -6.498  1.00 0.00 ? 21 DT  B C5     1 
ATOM   660 C C7     . DT  B 2 9  ? 0.030   7.626   -6.257  1.00 0.00 ? 21 DT  B C7     1 
ATOM   661 C C6     . DT  B 2 9  ? 2.409   6.887   -6.280  1.00 0.00 ? 21 DT  B C6     1 
ATOM   662 H "H5'"  . DT  B 2 9  ? 5.819   7.659   -2.634  1.00 0.00 ? 21 DT  B "H5'"  1 
ATOM   663 H "H5''" . DT  B 2 9  ? 7.293   8.408   -3.257  1.00 0.00 ? 21 DT  B "H5''" 1 
ATOM   664 H "H4'"  . DT  B 2 9  ? 7.039   6.353   -4.388  1.00 0.00 ? 21 DT  B "H4'"  1 
ATOM   665 H "H3'"  . DT  B 2 9  ? 6.986   8.750   -5.946  1.00 0.00 ? 21 DT  B "H3'"  1 
ATOM   666 H "H2'"  . DT  B 2 9  ? 4.738   8.393   -6.599  1.00 0.00 ? 21 DT  B "H2'"  1 
ATOM   667 H "H2''" . DT  B 2 9  ? 5.547   7.445   -7.879  1.00 0.00 ? 21 DT  B "H2''" 1 
ATOM   668 H "H1'"  . DT  B 2 9  ? 5.474   5.431   -6.515  1.00 0.00 ? 21 DT  B "H1'"  1 
ATOM   669 H H3     . DT  B 2 9  ? 1.555   3.445   -7.469  1.00 0.00 ? 21 DT  B H3     1 
ATOM   670 H H71    . DT  B 2 9  ? -0.428  7.895   -7.209  1.00 0.00 ? 21 DT  B H71    1 
ATOM   671 H H72    . DT  B 2 9  ? -0.744  7.212   -5.610  1.00 0.00 ? 21 DT  B H72    1 
ATOM   672 H H73    . DT  B 2 9  ? 0.447   8.520   -5.792  1.00 0.00 ? 21 DT  B H73    1 
ATOM   673 H H6     . DT  B 2 9  ? 2.674   7.877   -5.938  1.00 0.00 ? 21 DT  B H6     1 
ATOM   674 P P      . DA  B 2 10 ? 8.600   7.320   -7.872  1.00 0.00 ? 22 DA  B P      1 
ATOM   675 O OP1    . DA  B 2 10 ? 10.027  7.448   -7.480  1.00 0.00 ? 22 DA  B OP1    1 
ATOM   676 O OP2    . DA  B 2 10 ? 7.940   8.454   -8.564  1.00 0.00 ? 22 DA  B OP2    1 
ATOM   677 O "O5'"  . DA  B 2 10 ? 8.429   6.011   -8.795  1.00 0.00 ? 22 DA  B "O5'"  1 
ATOM   678 C "C5'"  . DA  B 2 10 ? 8.996   4.755   -8.424  1.00 0.00 ? 22 DA  B "C5'"  1 
ATOM   679 C "C4'"  . DA  B 2 10 ? 8.435   3.561   -9.225  1.00 0.00 ? 22 DA  B "C4'"  1 
ATOM   680 O "O4'"  . DA  B 2 10 ? 7.013   3.532   -9.084  1.00 0.00 ? 22 DA  B "O4'"  1 
ATOM   681 C "C3'"  . DA  B 2 10 ? 8.734   3.621   -10.737 1.00 0.00 ? 22 DA  B "C3'"  1 
ATOM   682 O "O3'"  . DA  B 2 10 ? 8.714   2.348   -11.376 1.00 0.00 ? 22 DA  B "O3'"  1 
ATOM   683 C "C2'"  . DA  B 2 10 ? 7.488   4.329   -11.246 1.00 0.00 ? 22 DA  B "C2'"  1 
ATOM   684 C "C1'"  . DA  B 2 10 ? 6.440   3.629   -10.381 1.00 0.00 ? 22 DA  B "C1'"  1 
ATOM   685 N N9     . DA  B 2 10 ? 5.144   4.335   -10.348 1.00 0.00 ? 22 DA  B N9     1 
ATOM   686 C C8     . DA  B 2 10 ? 4.888   5.647   -10.033 1.00 0.00 ? 22 DA  B C8     1 
ATOM   687 N N7     . DA  B 2 10 ? 3.619   5.974   -10.068 1.00 0.00 ? 22 DA  B N7     1 
ATOM   688 C C5     . DA  B 2 10 ? 3.003   4.776   -10.474 1.00 0.00 ? 22 DA  B C5     1 
ATOM   689 C C6     . DA  B 2 10 ? 1.670   4.370   -10.728 1.00 0.00 ? 22 DA  B C6     1 
ATOM   690 N N6     . DA  B 2 10 ? 0.608   5.142   -10.587 1.00 0.00 ? 22 DA  B N6     1 
ATOM   691 N N1     . DA  B 2 10 ? 1.387   3.130   -11.136 1.00 0.00 ? 22 DA  B N1     1 
ATOM   692 C C2     . DA  B 2 10 ? 2.394   2.279   -11.288 1.00 0.00 ? 22 DA  B C2     1 
ATOM   693 N N3     . DA  B 2 10 ? 3.685   2.501   -11.076 1.00 0.00 ? 22 DA  B N3     1 
ATOM   694 C C4     . DA  B 2 10 ? 3.926   3.781   -10.663 1.00 0.00 ? 22 DA  B C4     1 
ATOM   695 H "H5'"  . DA  B 2 10 ? 8.795   4.570   -7.367  1.00 0.00 ? 22 DA  B "H5'"  1 
ATOM   696 H "H5''" . DA  B 2 10 ? 10.078  4.794   -8.557  1.00 0.00 ? 22 DA  B "H5''" 1 
ATOM   697 H "H4'"  . DA  B 2 10 ? 8.861   2.649   -8.808  1.00 0.00 ? 22 DA  B "H4'"  1 
ATOM   698 H "H3'"  . DA  B 2 10 ? 9.643   4.180   -10.964 1.00 0.00 ? 22 DA  B "H3'"  1 
ATOM   699 H "H2'"  . DA  B 2 10 ? 7.534   5.399   -11.046 1.00 0.00 ? 22 DA  B "H2'"  1 
ATOM   700 H "H2''" . DA  B 2 10 ? 7.332   4.150   -12.304 1.00 0.00 ? 22 DA  B "H2''" 1 
ATOM   701 H "H1'"  . DA  B 2 10 ? 6.288   2.621   -10.777 1.00 0.00 ? 22 DA  B "H1'"  1 
ATOM   702 H H8     . DA  B 2 10 ? 5.681   6.336   -9.764  1.00 0.00 ? 22 DA  B H8     1 
ATOM   703 H H61    . DA  B 2 10 ? -0.313  4.752   -10.754 1.00 0.00 ? 22 DA  B H61    1 
ATOM   704 H H62    . DA  B 2 10 ? 0.732   6.098   -10.301 1.00 0.00 ? 22 DA  B H62    1 
ATOM   705 H H2     . DA  B 2 10 ? 2.131   1.282   -11.622 1.00 0.00 ? 22 DA  B H2     1 
ATOM   706 P P      . DG  B 2 11 ? 9.901   1.273   -11.297 1.00 0.00 ? 23 DG  B P      1 
ATOM   707 O OP1    . DG  B 2 11 ? 9.877   0.623   -9.964  1.00 0.00 ? 23 DG  B OP1    1 
ATOM   708 O OP2    . DG  B 2 11 ? 11.157  1.903   -11.777 1.00 0.00 ? 23 DG  B OP2    1 
ATOM   709 O "O5'"  . DG  B 2 11 ? 9.393   0.202   -12.398 1.00 0.00 ? 23 DG  B "O5'"  1 
ATOM   710 C "C5'"  . DG  B 2 11 ? 9.316   0.542   -13.780 1.00 0.00 ? 23 DG  B "C5'"  1 
ATOM   711 C "C4'"  . DG  B 2 11 ? 7.923   0.311   -14.396 1.00 0.00 ? 23 DG  B "C4'"  1 
ATOM   712 O "O4'"  . DG  B 2 11 ? 6.929   1.172   -13.845 1.00 0.00 ? 23 DG  B "O4'"  1 
ATOM   713 C "C3'"  . DG  B 2 11 ? 7.947   0.636   -15.906 1.00 0.00 ? 23 DG  B "C3'"  1 
ATOM   714 O "O3'"  . DG  B 2 11 ? 8.112   -0.491  -16.777 1.00 0.00 ? 23 DG  B "O3'"  1 
ATOM   715 C "C2'"  . DG  B 2 11 ? 6.687   1.481   -16.131 1.00 0.00 ? 23 DG  B "C2'"  1 
ATOM   716 C "C1'"  . DG  B 2 11 ? 5.915   1.325   -14.824 1.00 0.00 ? 23 DG  B "C1'"  1 
ATOM   717 N N9     . DG  B 2 11 ? 5.054   2.501   -14.545 1.00 0.00 ? 23 DG  B N9     1 
ATOM   718 C C8     . DG  B 2 11 ? 5.444   3.789   -14.268 1.00 0.00 ? 23 DG  B C8     1 
ATOM   719 N N7     . DG  B 2 11 ? 4.461   4.622   -14.051 1.00 0.00 ? 23 DG  B N7     1 
ATOM   720 C C5     . DG  B 2 11 ? 3.319   3.834   -14.258 1.00 0.00 ? 23 DG  B C5     1 
ATOM   721 C C6     . DG  B 2 11 ? 1.915   4.161   -14.221 1.00 0.00 ? 23 DG  B C6     1 
ATOM   722 O O6     . DG  B 2 11 ? 1.369   5.228   -13.934 1.00 0.00 ? 23 DG  B O6     1 
ATOM   723 N N1     . DG  B 2 11 ? 1.097   3.106   -14.568 1.00 0.00 ? 23 DG  B N1     1 
ATOM   724 C C2     . DG  B 2 11 ? 1.553   1.873   -14.894 1.00 0.00 ? 23 DG  B C2     1 
ATOM   725 N N2     . DG  B 2 11 ? 0.667   0.991   -15.263 1.00 0.00 ? 23 DG  B N2     1 
ATOM   726 N N3     . DG  B 2 11 ? 2.834   1.513   -14.912 1.00 0.00 ? 23 DG  B N3     1 
ATOM   727 C C4     . DG  B 2 11 ? 3.677   2.542   -14.588 1.00 0.00 ? 23 DG  B C4     1 
ATOM   728 H "H5'"  . DG  B 2 11 ? 10.038  -0.069  -14.325 1.00 0.00 ? 23 DG  B "H5'"  1 
ATOM   729 H "H5''" . DG  B 2 11 ? 9.585   1.590   -13.928 1.00 0.00 ? 23 DG  B "H5''" 1 
ATOM   730 H "H4'"  . DG  B 2 11 ? 7.634   -0.728  -14.240 1.00 0.00 ? 23 DG  B "H4'"  1 
ATOM   731 H "H3'"  . DG  B 2 11 ? 8.799   1.296   -16.087 1.00 0.00 ? 23 DG  B "H3'"  1 
ATOM   732 H "H2'"  . DG  B 2 11 ? 6.982   2.521   -16.275 1.00 0.00 ? 23 DG  B "H2'"  1 
ATOM   733 H "H2''" . DG  B 2 11 ? 6.088   1.154   -16.974 1.00 0.00 ? 23 DG  B "H2''" 1 
ATOM   734 H "H1'"  . DG  B 2 11 ? 5.301   0.420   -14.871 1.00 0.00 ? 23 DG  B "H1'"  1 
ATOM   735 H H8     . DG  B 2 11 ? 6.488   4.072   -14.230 1.00 0.00 ? 23 DG  B H8     1 
ATOM   736 H H1     . DG  B 2 11 ? 0.104   3.281   -14.583 1.00 0.00 ? 23 DG  B H1     1 
ATOM   737 H H21    . DG  B 2 11 ? -0.318  1.242   -15.291 1.00 0.00 ? 23 DG  B H21    1 
ATOM   738 H H22    . DG  B 2 11 ? 0.985   0.070   -15.508 1.00 0.00 ? 23 DG  B H22    1 
ATOM   739 P P      . DC  B 2 12 ? 7.002   -1.637  -17.076 1.00 0.00 ? 24 DC  B P      1 
ATOM   740 O OP1    . DC  B 2 12 ? 6.207   -1.887  -15.850 1.00 0.00 ? 24 DC  B OP1    1 
ATOM   741 O OP2    . DC  B 2 12 ? 7.710   -2.774  -17.714 1.00 0.00 ? 24 DC  B OP2    1 
ATOM   742 O "O5'"  . DC  B 2 12 ? 6.045   -0.970  -18.188 1.00 0.00 ? 24 DC  B "O5'"  1 
ATOM   743 C "C5'"  . DC  B 2 12 ? 4.869   -1.629  -18.642 1.00 0.00 ? 24 DC  B "C5'"  1 
ATOM   744 C "C4'"  . DC  B 2 12 ? 3.850   -0.655  -19.257 1.00 0.00 ? 24 DC  B "C4'"  1 
ATOM   745 O "O4'"  . DC  B 2 12 ? 3.481   0.364   -18.340 1.00 0.00 ? 24 DC  B "O4'"  1 
ATOM   746 C "C3'"  . DC  B 2 12 ? 4.323   0.084   -20.514 1.00 0.00 ? 24 DC  B "C3'"  1 
ATOM   747 O "O3'"  . DC  B 2 12 ? 4.087   -0.661  -21.705 1.00 0.00 ? 24 DC  B "O3'"  1 
ATOM   748 C "C2'"  . DC  B 2 12 ? 3.460   1.350   -20.491 1.00 0.00 ? 24 DC  B "C2'"  1 
ATOM   749 C "C1'"  . DC  B 2 12 ? 2.834   1.376   -19.087 1.00 0.00 ? 24 DC  B "C1'"  1 
ATOM   750 N N1     . DC  B 2 12 ? 2.973   2.699   -18.412 1.00 0.00 ? 24 DC  B N1     1 
ATOM   751 C C2     . DC  B 2 12 ? 1.817   3.427   -18.099 1.00 0.00 ? 24 DC  B C2     1 
ATOM   752 O O2     . DC  B 2 12 ? 0.686   2.990   -18.314 1.00 0.00 ? 24 DC  B O2     1 
ATOM   753 N N3     . DC  B 2 12 ? 1.901   4.664   -17.557 1.00 0.00 ? 24 DC  B N3     1 
ATOM   754 C C4     . DC  B 2 12 ? 3.094   5.173   -17.332 1.00 0.00 ? 24 DC  B C4     1 
ATOM   755 N N4     . DC  B 2 12 ? 3.102   6.362   -16.807 1.00 0.00 ? 24 DC  B N4     1 
ATOM   756 C C5     . DC  B 2 12 ? 4.306   4.488   -17.623 1.00 0.00 ? 24 DC  B C5     1 
ATOM   757 C C6     . DC  B 2 12 ? 4.208   3.248   -18.167 1.00 0.00 ? 24 DC  B C6     1 
ATOM   758 H "H5'"  . DC  B 2 12 ? 4.383   -2.133  -17.806 1.00 0.00 ? 24 DC  B "H5'"  1 
ATOM   759 H "H5''" . DC  B 2 12 ? 5.138   -2.381  -19.385 1.00 0.00 ? 24 DC  B "H5''" 1 
ATOM   760 H "H4'"  . DC  B 2 12 ? 2.956   -1.226  -19.519 1.00 0.00 ? 24 DC  B "H4'"  1 
ATOM   761 H "H3'"  . DC  B 2 12 ? 5.378   0.350   -20.406 1.00 0.00 ? 24 DC  B "H3'"  1 
ATOM   762 H "HO3'" . DC  B 2 12 ? 4.410   -0.150  -22.476 1.00 0.00 ? 24 DC  B "HO3'" 1 
ATOM   763 H "H2'"  . DC  B 2 12 ? 4.081   2.227   -20.681 1.00 0.00 ? 24 DC  B "H2'"  1 
ATOM   764 H "H2''" . DC  B 2 12 ? 2.664   1.304   -21.236 1.00 0.00 ? 24 DC  B "H2''" 1 
ATOM   765 H "H1'"  . DC  B 2 12 ? 1.774   1.113   -19.180 1.00 0.00 ? 24 DC  B "H1'"  1 
ATOM   766 H H41    . DC  B 2 12 ? 2.205   6.778   -16.580 1.00 0.00 ? 24 DC  B H41    1 
ATOM   767 H H42    . DC  B 2 12 ? 3.975   6.793   -16.557 1.00 0.00 ? 24 DC  B H42    1 
ATOM   768 H H5     . DC  B 2 12 ? 5.277   4.921   -17.430 1.00 0.00 ? 24 DC  B H5     1 
ATOM   769 H H6     . DC  B 2 12 ? 5.097   2.680   -18.420 1.00 0.00 ? 24 DC  B H6     1 
# 
